data_2YIV
#
_entry.id   2YIV
#
_cell.length_a   112.700
_cell.length_b   75.240
_cell.length_c   71.220
_cell.angle_alpha   90.00
_cell.angle_beta   111.38
_cell.angle_gamma   90.00
#
_symmetry.space_group_name_H-M   'C 1 2 1'
#
loop_
_entity.id
_entity.type
_entity.pdbx_description
1 polymer 'CARBON MONOXIDE DEHYDROGENASE 2'
2 non-polymer 'IRON/SULFUR CLUSTER'
3 non-polymer 'FE2/S2 (INORGANIC) CLUSTER'
4 non-polymer 'FE(3)-NI(1)-S(4) CLUSTER'
5 non-polymer N-butylformamide
6 non-polymer 'FE (III) ION'
7 non-polymer 'N-BUTYL ISOCYANIDE'
8 water water
#
_entity_poly.entity_id   1
_entity_poly.type   'polypeptide(L)'
_entity_poly.pdbx_seq_one_letter_code
;MGSSHHHHHHSSGLVPRGSHMARQNLKSTDRAVQQMLDKAKREGIQTVWDRYEAMKPQCGFGETGLCCRHCLQGPCRINP
FGDEPKVGICGATAEVIVARGLDRSIAAGAAGHSGHAKHLAHTLKKAVQGKAASYMIKDRTKLHSIAKRLGIPTEGQKDE
DIALEVAKAALADFHEKDTPVLWVTTVLPPSRVKVLSAHGLIPAGIDHEIAEIMHRTSMGCDADAQNLLLGGLRCSLADL
AGCYMGTDLADILFGTPAPVVTESNLGVLKADAVNVAVHGHNPVLSDIIVSVSKEMENEARAAGATGINVVGICCTGNEV
LMRHGIPACTHSVSQEMAMITGALDAMILDYQCIQPSVATIAECTGTTVITTMEMSKITGATHVNFAEEAAVENAKQILR
LAIDTFKRRKGKPVEIPNIKTKVVAGFSTEAIINALSKLNANDPLKPLIDNVVNGNIRGVCLFAGCNNVKVPQDQNFTTI
ARKLLKQNVLVVATGCGAGALMRHGFMDPANVDELCGDGLKAVLTAIGEANGLGGPLPPVLHMGSCVDNSRAVALVAALA
NRLGVDLDRLPVVASAAEAMHEKAVAIGTWAVTIGLPTHIGVLPPITGSLPVTQILTSSVKDITGGYFIVELDPETAADK
LLAAINERRAGLGLPW
;
_entity_poly.pdbx_strand_id   X
#
loop_
_chem_comp.id
_chem_comp.type
_chem_comp.name
_chem_comp.formula
FE non-polymer 'FE (III) ION' 'Fe 3'
FES non-polymer 'FE2/S2 (INORGANIC) CLUSTER' 'Fe2 S2'
NBN non-polymer 'N-BUTYL ISOCYANIDE' 'C5 H9 N'
SF4 non-polymer 'IRON/SULFUR CLUSTER' 'Fe4 S4'
WCC non-polymer 'FE(3)-NI(1)-S(4) CLUSTER' 'Fe3 Ni S4'
YIV non-polymer N-butylformamide 'C5 H11 N O'
#
# COMPACT_ATOMS: atom_id res chain seq x y z
N ALA A 22 20.44 -25.27 -2.43
CA ALA A 22 19.16 -24.63 -2.12
C ALA A 22 18.48 -24.12 -3.39
N ARG A 23 17.23 -24.53 -3.58
CA ARG A 23 16.43 -24.08 -4.71
C ARG A 23 15.83 -22.73 -4.38
N GLN A 24 16.48 -21.66 -4.85
CA GLN A 24 16.08 -20.32 -4.45
C GLN A 24 14.73 -19.93 -5.05
N ASN A 25 14.31 -20.60 -6.12
CA ASN A 25 13.01 -20.33 -6.73
CA ASN A 25 13.01 -20.30 -6.71
C ASN A 25 11.84 -20.71 -5.83
N LEU A 26 12.13 -21.48 -4.77
CA LEU A 26 11.11 -21.82 -3.79
C LEU A 26 10.89 -20.65 -2.81
N LYS A 27 11.87 -19.74 -2.76
CA LYS A 27 11.79 -18.56 -1.89
CA LYS A 27 11.80 -18.57 -1.89
C LYS A 27 11.26 -17.35 -2.63
N SER A 28 11.80 -17.10 -3.81
CA SER A 28 11.34 -15.97 -4.61
C SER A 28 11.33 -16.33 -6.08
N THR A 29 10.30 -15.85 -6.79
CA THR A 29 10.24 -16.03 -8.24
C THR A 29 10.98 -14.94 -9.01
N ASP A 30 11.56 -13.98 -8.29
CA ASP A 30 12.36 -12.92 -8.88
C ASP A 30 13.80 -13.38 -9.02
N ARG A 31 14.30 -13.41 -10.25
CA ARG A 31 15.63 -13.92 -10.52
C ARG A 31 16.74 -13.08 -9.91
N ALA A 32 16.55 -11.77 -9.78
CA ALA A 32 17.55 -10.92 -9.12
C ALA A 32 17.63 -11.28 -7.63
N VAL A 33 16.48 -11.53 -7.03
CA VAL A 33 16.44 -11.95 -5.63
C VAL A 33 17.11 -13.30 -5.47
N GLN A 34 16.83 -14.24 -6.38
CA GLN A 34 17.48 -15.55 -6.31
C GLN A 34 19.00 -15.41 -6.35
N GLN A 35 19.50 -14.54 -7.21
CA GLN A 35 20.94 -14.35 -7.33
C GLN A 35 21.52 -13.83 -6.00
N MET A 36 20.84 -12.87 -5.38
CA MET A 36 21.31 -12.34 -4.09
C MET A 36 21.15 -13.34 -2.95
N LEU A 37 20.15 -14.21 -3.02
CA LEU A 37 20.03 -15.27 -2.04
C LEU A 37 21.22 -16.22 -2.10
N ASP A 38 21.71 -16.54 -3.30
CA ASP A 38 22.92 -17.34 -3.43
C ASP A 38 24.13 -16.64 -2.82
N LYS A 39 24.24 -15.34 -3.05
CA LYS A 39 25.32 -14.55 -2.46
C LYS A 39 25.23 -14.51 -0.94
N ALA A 40 24.04 -14.26 -0.40
CA ALA A 40 23.86 -14.25 1.04
C ALA A 40 24.24 -15.60 1.63
N LYS A 41 23.88 -16.68 0.95
CA LYS A 41 24.19 -18.03 1.44
CA LYS A 41 24.19 -18.04 1.45
C LYS A 41 25.69 -18.26 1.52
N ARG A 42 26.41 -17.96 0.45
CA ARG A 42 27.83 -18.27 0.49
C ARG A 42 28.60 -17.33 1.43
N GLU A 43 28.02 -16.17 1.73
CA GLU A 43 28.63 -15.23 2.67
C GLU A 43 28.16 -15.41 4.11
N GLY A 44 27.23 -16.32 4.34
CA GLY A 44 26.77 -16.61 5.69
C GLY A 44 25.90 -15.51 6.29
N ILE A 45 25.24 -14.74 5.44
CA ILE A 45 24.35 -13.68 5.91
C ILE A 45 22.92 -14.21 5.99
N GLN A 46 22.37 -14.23 7.20
CA GLN A 46 21.02 -14.71 7.44
C GLN A 46 19.99 -13.77 6.84
N THR A 47 18.99 -14.34 6.17
CA THR A 47 17.93 -13.59 5.51
C THR A 47 16.57 -13.88 6.16
N VAL A 48 15.56 -13.12 5.75
CA VAL A 48 14.19 -13.35 6.19
C VAL A 48 13.75 -14.80 5.92
N TRP A 49 14.17 -15.38 4.81
CA TRP A 49 13.78 -16.76 4.54
C TRP A 49 14.43 -17.73 5.50
N ASP A 50 15.67 -17.46 5.91
CA ASP A 50 16.35 -18.30 6.89
C ASP A 50 15.66 -18.18 8.25
N ARG A 51 15.26 -16.96 8.61
CA ARG A 51 14.61 -16.74 9.91
C ARG A 51 13.25 -17.42 9.93
N TYR A 52 12.56 -17.43 8.79
CA TYR A 52 11.32 -18.18 8.66
C TYR A 52 11.54 -19.68 8.84
N GLU A 53 12.53 -20.24 8.15
CA GLU A 53 12.82 -21.67 8.28
CA GLU A 53 12.81 -21.66 8.29
C GLU A 53 13.07 -22.02 9.75
N ALA A 54 13.79 -21.15 10.46
CA ALA A 54 14.12 -21.37 11.86
C ALA A 54 12.91 -21.31 12.78
N MET A 55 11.82 -20.72 12.30
CA MET A 55 10.59 -20.54 13.08
C MET A 55 9.64 -21.74 12.92
N LYS A 56 9.87 -22.58 11.92
CA LYS A 56 8.98 -23.74 11.66
C LYS A 56 9.22 -24.87 12.64
N PRO A 57 8.14 -25.56 13.05
CA PRO A 57 6.75 -25.25 12.73
C PRO A 57 6.21 -24.11 13.59
N GLN A 58 5.42 -23.23 13.00
CA GLN A 58 4.84 -22.12 13.73
C GLN A 58 3.69 -22.59 14.62
N CYS A 59 3.41 -21.82 15.67
CA CYS A 59 2.38 -22.16 16.62
C CYS A 59 1.00 -22.21 15.98
N GLY A 60 0.32 -23.35 16.11
CA GLY A 60 -0.99 -23.53 15.52
C GLY A 60 -2.10 -22.72 16.22
N PHE A 61 -1.91 -22.36 17.48
CA PHE A 61 -2.88 -21.53 18.17
C PHE A 61 -2.85 -20.13 17.57
N GLY A 62 -1.66 -19.57 17.45
CA GLY A 62 -1.53 -18.27 16.81
C GLY A 62 -2.01 -18.27 15.36
N GLU A 63 -1.67 -19.31 14.60
CA GLU A 63 -2.02 -19.40 13.17
C GLU A 63 -3.54 -19.34 12.96
N THR A 64 -4.29 -19.91 13.90
CA THR A 64 -5.74 -20.00 13.79
C THR A 64 -6.45 -18.87 14.51
N GLY A 65 -5.71 -18.05 15.24
CA GLY A 65 -6.31 -16.97 16.00
C GLY A 65 -6.73 -17.36 17.42
N LEU A 66 -6.48 -18.60 17.80
CA LEU A 66 -6.97 -19.13 19.08
C LEU A 66 -5.95 -18.94 20.22
N CYS A 67 -5.52 -17.69 20.39
CA CYS A 67 -4.63 -17.32 21.49
C CYS A 67 -4.99 -15.90 21.91
N CYS A 68 -4.98 -15.66 23.20
CA CYS A 68 -5.26 -14.35 23.76
C CYS A 68 -4.24 -14.04 24.86
N ARG A 69 -3.68 -12.84 24.82
CA ARG A 69 -2.79 -12.33 25.85
C ARG A 69 -3.27 -10.96 26.36
N HIS A 70 -4.58 -10.73 26.31
CA HIS A 70 -5.11 -9.41 26.67
C HIS A 70 -5.17 -9.13 28.16
N CYS A 71 -4.79 -10.09 29.00
CA CYS A 71 -4.60 -9.79 30.43
C CYS A 71 -3.53 -10.68 31.03
N LEU A 72 -3.15 -10.39 32.27
CA LEU A 72 -2.07 -11.08 32.93
C LEU A 72 -2.50 -12.43 33.52
N GLN A 73 -3.75 -12.84 33.30
CA GLN A 73 -4.13 -14.21 33.56
C GLN A 73 -3.71 -15.13 32.43
N GLY A 74 -3.49 -14.56 31.24
CA GLY A 74 -3.04 -15.33 30.10
C GLY A 74 -1.58 -15.73 30.20
N PRO A 75 -1.06 -16.33 29.14
CA PRO A 75 -1.72 -16.54 27.85
C PRO A 75 -2.79 -17.61 27.91
N CYS A 76 -3.88 -17.35 27.21
CA CYS A 76 -4.94 -18.32 27.01
C CYS A 76 -4.88 -18.82 25.57
N ARG A 77 -5.29 -20.06 25.38
CA ARG A 77 -5.43 -20.66 24.05
C ARG A 77 -6.63 -21.56 24.06
N ILE A 78 -7.10 -21.91 22.87
CA ILE A 78 -8.19 -22.84 22.70
C ILE A 78 -7.78 -23.85 21.66
N ASN A 79 -7.94 -25.13 21.93
CA ASN A 79 -7.66 -26.15 20.92
C ASN A 79 -8.62 -25.98 19.76
N PRO A 80 -8.10 -25.90 18.52
CA PRO A 80 -9.01 -25.84 17.38
C PRO A 80 -10.01 -27.00 17.41
N PHE A 81 -9.51 -28.18 17.74
CA PHE A 81 -10.34 -29.38 17.83
C PHE A 81 -9.87 -30.24 18.97
N GLY A 82 -10.78 -31.01 19.54
CA GLY A 82 -10.42 -31.95 20.59
C GLY A 82 -10.98 -31.58 21.94
N ASP A 83 -10.13 -31.66 22.96
CA ASP A 83 -10.55 -31.46 24.33
C ASP A 83 -10.09 -30.11 24.88
N GLU A 84 -10.12 -29.94 26.19
CA GLU A 84 -9.77 -28.68 26.82
C GLU A 84 -8.30 -28.33 26.56
N PRO A 85 -7.96 -27.02 26.53
CA PRO A 85 -8.89 -25.90 26.79
C PRO A 85 -9.86 -25.59 25.64
N LYS A 86 -11.08 -25.25 26.01
CA LYS A 86 -12.15 -24.91 25.07
C LYS A 86 -12.58 -23.45 25.14
N VAL A 87 -12.15 -22.75 26.19
CA VAL A 87 -12.60 -21.39 26.46
CA VAL A 87 -12.57 -21.37 26.45
C VAL A 87 -11.49 -20.65 27.24
N GLY A 88 -11.41 -19.34 27.08
CA GLY A 88 -10.45 -18.55 27.82
C GLY A 88 -10.76 -18.52 29.30
N ILE A 89 -9.78 -18.14 30.12
CA ILE A 89 -9.93 -18.16 31.55
C ILE A 89 -11.08 -17.27 32.04
N CYS A 90 -11.24 -16.09 31.42
CA CYS A 90 -12.34 -15.19 31.79
C CYS A 90 -13.70 -15.60 31.22
N GLY A 91 -13.71 -16.66 30.40
CA GLY A 91 -14.91 -17.08 29.70
C GLY A 91 -14.96 -16.69 28.23
N ALA A 92 -13.92 -16.02 27.74
CA ALA A 92 -13.89 -15.60 26.34
C ALA A 92 -13.94 -16.81 25.41
N THR A 93 -14.90 -16.82 24.51
CA THR A 93 -15.05 -17.92 23.58
C THR A 93 -14.08 -17.78 22.41
N ALA A 94 -13.99 -18.81 21.58
CA ALA A 94 -13.18 -18.74 20.37
C ALA A 94 -13.61 -17.60 19.47
N GLU A 95 -14.91 -17.37 19.36
CA GLU A 95 -15.48 -16.32 18.51
CA GLU A 95 -15.34 -16.33 18.43
C GLU A 95 -15.00 -14.94 18.98
N VAL A 96 -15.09 -14.74 20.29
CA VAL A 96 -14.66 -13.49 20.90
C VAL A 96 -13.14 -13.28 20.75
N ILE A 97 -12.36 -14.28 21.11
CA ILE A 97 -10.92 -14.17 21.02
C ILE A 97 -10.47 -13.85 19.59
N VAL A 98 -11.00 -14.58 18.61
CA VAL A 98 -10.64 -14.35 17.22
C VAL A 98 -11.03 -12.94 16.79
N ALA A 99 -12.26 -12.52 17.10
CA ALA A 99 -12.72 -11.22 16.68
C ALA A 99 -11.94 -10.09 17.33
N ARG A 100 -11.59 -10.24 18.60
CA ARG A 100 -10.79 -9.22 19.30
C ARG A 100 -9.40 -9.10 18.71
N GLY A 101 -8.78 -10.23 18.40
CA GLY A 101 -7.46 -10.18 17.80
C GLY A 101 -7.50 -9.47 16.45
N LEU A 102 -8.49 -9.81 15.62
CA LEU A 102 -8.62 -9.20 14.33
C LEU A 102 -8.87 -7.69 14.46
N ASP A 103 -9.74 -7.29 15.39
CA ASP A 103 -10.02 -5.88 15.58
C ASP A 103 -8.75 -5.12 15.93
N ARG A 104 -7.91 -5.68 16.81
CA ARG A 104 -6.66 -4.98 17.17
C ARG A 104 -5.74 -4.83 15.95
N SER A 105 -5.70 -5.82 15.05
CA SER A 105 -4.90 -5.71 13.83
CA SER A 105 -4.89 -5.69 13.83
C SER A 105 -5.40 -4.57 12.95
N ILE A 106 -6.73 -4.47 12.82
CA ILE A 106 -7.31 -3.40 12.04
C ILE A 106 -6.95 -2.04 12.64
N ALA A 107 -7.06 -1.91 13.96
CA ALA A 107 -6.72 -0.66 14.63
C ALA A 107 -5.25 -0.29 14.43
N ALA A 108 -4.36 -1.29 14.51
CA ALA A 108 -2.95 -1.06 14.30
C ALA A 108 -2.69 -0.57 12.86
N GLY A 109 -3.34 -1.17 11.87
CA GLY A 109 -3.22 -0.70 10.50
C GLY A 109 -3.69 0.75 10.37
N ALA A 110 -4.86 1.03 10.94
CA ALA A 110 -5.42 2.37 10.91
C ALA A 110 -4.47 3.37 11.57
N ALA A 111 -3.79 2.95 12.64
CA ALA A 111 -2.83 3.81 13.34
C ALA A 111 -1.64 4.18 12.47
N GLY A 112 -1.16 3.25 11.64
N GLY A 112 -1.22 3.25 11.62
CA GLY A 112 -0.06 3.54 10.75
CA GLY A 112 -0.11 3.49 10.70
C GLY A 112 -0.46 4.58 9.71
C GLY A 112 -0.48 4.48 9.61
N HIS A 113 -1.66 4.44 9.19
N HIS A 113 -1.54 4.18 8.87
CA HIS A 113 -2.15 5.43 8.24
CA HIS A 113 -2.00 5.10 7.83
C HIS A 113 -2.55 6.74 8.94
C HIS A 113 -2.41 6.44 8.44
N SER A 114 -2.91 6.66 10.23
N SER A 114 -3.10 6.40 9.57
CA SER A 114 -3.12 7.86 11.07
CA SER A 114 -3.52 7.60 10.29
C SER A 114 -1.84 8.65 11.16
C SER A 114 -2.36 8.54 10.47
N GLY A 115 -0.75 7.96 11.51
N GLY A 115 -1.30 8.00 11.09
CA GLY A 115 0.53 8.60 11.67
CA GLY A 115 -0.13 8.78 11.47
C GLY A 115 0.98 9.24 10.38
C GLY A 115 0.56 9.37 10.27
N HIS A 116 0.79 8.53 9.27
CA HIS A 116 1.27 8.99 7.97
C HIS A 116 0.50 10.26 7.53
N ALA A 117 -0.82 10.19 7.58
CA ALA A 117 -1.67 11.29 7.12
C ALA A 117 -1.44 12.53 8.01
N LYS A 118 -1.38 12.29 9.31
CA LYS A 118 -1.18 13.35 10.28
C LYS A 118 0.14 14.07 10.01
N HIS A 119 1.18 13.32 9.71
CA HIS A 119 2.48 13.91 9.42
CA HIS A 119 2.50 13.86 9.39
C HIS A 119 2.39 14.85 8.23
N LEU A 120 1.67 14.44 7.19
CA LEU A 120 1.47 15.28 6.02
CA LEU A 120 1.49 15.29 6.02
C LEU A 120 0.64 16.53 6.33
N ALA A 121 -0.40 16.38 7.14
CA ALA A 121 -1.26 17.51 7.52
C ALA A 121 -0.45 18.57 8.25
N HIS A 122 0.37 18.15 9.21
CA HIS A 122 1.24 19.08 9.93
C HIS A 122 2.26 19.76 9.01
N THR A 123 2.78 19.00 8.06
CA THR A 123 3.73 19.55 7.09
C THR A 123 3.08 20.62 6.21
N LEU A 124 1.89 20.34 5.69
CA LEU A 124 1.18 21.33 4.87
C LEU A 124 0.95 22.61 5.69
N LYS A 125 0.50 22.43 6.93
CA LYS A 125 0.22 23.58 7.78
C LYS A 125 1.48 24.42 7.98
N LYS A 126 2.60 23.75 8.27
CA LYS A 126 3.87 24.45 8.47
C LYS A 126 4.27 25.19 7.21
N ALA A 127 4.11 24.55 6.07
CA ALA A 127 4.53 25.14 4.81
C ALA A 127 3.84 26.48 4.58
N VAL A 128 2.52 26.50 4.72
CA VAL A 128 1.76 27.69 4.37
C VAL A 128 1.80 28.76 5.47
N GLN A 129 2.31 28.38 6.64
CA GLN A 129 2.55 29.34 7.73
C GLN A 129 3.94 29.95 7.67
N GLY A 130 4.74 29.54 6.70
CA GLY A 130 6.09 30.09 6.55
C GLY A 130 7.13 29.42 7.44
N LYS A 131 6.80 28.25 7.98
CA LYS A 131 7.68 27.56 8.93
C LYS A 131 8.51 26.44 8.30
N ALA A 132 8.22 26.11 7.04
CA ALA A 132 8.92 25.00 6.37
C ALA A 132 9.04 25.30 4.88
N ALA A 133 10.00 26.14 4.53
CA ALA A 133 10.09 26.69 3.20
C ALA A 133 10.50 25.67 2.14
N SER A 134 10.95 24.48 2.56
CA SER A 134 11.30 23.41 1.63
C SER A 134 10.04 22.80 1.02
N TYR A 135 8.88 23.13 1.60
CA TYR A 135 7.60 22.59 1.15
C TYR A 135 6.70 23.72 0.67
N MET A 136 5.73 23.38 -0.18
CA MET A 136 4.88 24.38 -0.79
CA MET A 136 4.89 24.38 -0.83
C MET A 136 3.66 23.71 -1.41
N ILE A 137 2.70 24.52 -1.83
CA ILE A 137 1.56 24.03 -2.60
C ILE A 137 2.04 23.81 -4.04
N LYS A 138 2.24 22.56 -4.43
CA LYS A 138 2.65 22.26 -5.80
CA LYS A 138 2.65 22.26 -5.79
C LYS A 138 1.47 22.03 -6.72
N ASP A 139 0.38 21.47 -6.20
CA ASP A 139 -0.80 21.21 -7.00
C ASP A 139 -1.99 22.02 -6.53
N ARG A 140 -2.09 23.22 -7.09
CA ARG A 140 -3.11 24.17 -6.72
C ARG A 140 -4.49 23.66 -7.11
N THR A 141 -4.60 23.02 -8.26
CA THR A 141 -5.89 22.49 -8.71
C THR A 141 -6.43 21.46 -7.73
N LYS A 142 -5.54 20.58 -7.28
CA LYS A 142 -5.94 19.53 -6.34
C LYS A 142 -6.35 20.18 -5.03
N LEU A 143 -5.61 21.19 -4.58
CA LEU A 143 -5.96 21.90 -3.36
C LEU A 143 -7.39 22.42 -3.42
N HIS A 144 -7.73 23.11 -4.50
CA HIS A 144 -9.04 23.72 -4.63
C HIS A 144 -10.14 22.67 -4.75
N SER A 145 -9.85 21.57 -5.45
N SER A 145 -9.84 21.56 -5.44
CA SER A 145 -10.82 20.50 -5.58
CA SER A 145 -10.81 20.49 -5.61
C SER A 145 -11.13 19.87 -4.23
C SER A 145 -11.11 19.78 -4.30
N ILE A 146 -10.09 19.65 -3.43
CA ILE A 146 -10.27 19.03 -2.12
C ILE A 146 -11.10 19.98 -1.23
N ALA A 147 -10.75 21.25 -1.28
CA ALA A 147 -11.49 22.27 -0.53
C ALA A 147 -12.98 22.20 -0.86
N LYS A 148 -13.29 22.20 -2.16
CA LYS A 148 -14.68 22.13 -2.61
C LYS A 148 -15.39 20.86 -2.13
N ARG A 149 -14.69 19.73 -2.19
CA ARG A 149 -15.25 18.45 -1.75
C ARG A 149 -15.59 18.52 -0.26
N LEU A 150 -14.75 19.22 0.49
CA LEU A 150 -14.94 19.33 1.94
C LEU A 150 -15.95 20.41 2.34
N GLY A 151 -16.30 21.28 1.39
CA GLY A 151 -17.25 22.36 1.67
C GLY A 151 -16.56 23.62 2.15
N ILE A 152 -15.26 23.72 1.91
CA ILE A 152 -14.46 24.88 2.27
C ILE A 152 -14.46 25.92 1.14
N PRO A 153 -14.88 27.15 1.45
CA PRO A 153 -14.94 28.20 0.42
C PRO A 153 -13.57 28.54 -0.17
N THR A 154 -13.53 28.83 -1.47
CA THR A 154 -12.29 29.16 -2.15
C THR A 154 -12.36 30.52 -2.83
N GLU A 155 -13.57 30.93 -3.23
CA GLU A 155 -13.72 32.17 -3.97
C GLU A 155 -13.27 33.36 -3.11
N GLY A 156 -12.37 34.16 -3.68
CA GLY A 156 -11.82 35.31 -2.99
C GLY A 156 -10.82 34.99 -1.90
N GLN A 157 -10.44 33.72 -1.77
CA GLN A 157 -9.53 33.30 -0.72
C GLN A 157 -8.11 33.06 -1.24
N LYS A 158 -7.12 33.42 -0.44
CA LYS A 158 -5.72 33.14 -0.73
C LYS A 158 -5.45 31.64 -0.65
N ASP A 159 -4.58 31.14 -1.52
CA ASP A 159 -4.25 29.71 -1.53
C ASP A 159 -3.76 29.23 -0.17
N GLU A 160 -2.94 30.05 0.48
CA GLU A 160 -2.36 29.65 1.76
C GLU A 160 -3.44 29.52 2.83
N ASP A 161 -4.48 30.34 2.74
CA ASP A 161 -5.58 30.27 3.70
C ASP A 161 -6.47 29.07 3.42
N ILE A 162 -6.68 28.77 2.14
CA ILE A 162 -7.43 27.59 1.75
C ILE A 162 -6.72 26.34 2.26
N ALA A 163 -5.42 26.29 2.04
CA ALA A 163 -4.60 25.17 2.49
C ALA A 163 -4.62 25.04 4.01
N LEU A 164 -4.58 26.16 4.71
CA LEU A 164 -4.64 26.14 6.16
C LEU A 164 -5.95 25.52 6.61
N GLU A 165 -7.05 25.88 5.95
CA GLU A 165 -8.35 25.30 6.29
C GLU A 165 -8.39 23.80 5.96
N VAL A 166 -7.79 23.40 4.85
CA VAL A 166 -7.76 21.99 4.51
C VAL A 166 -6.96 21.20 5.55
N ALA A 167 -5.82 21.73 5.97
CA ALA A 167 -4.97 21.07 6.97
C ALA A 167 -5.71 20.98 8.31
N LYS A 168 -6.42 22.04 8.68
CA LYS A 168 -7.20 22.02 9.92
CA LYS A 168 -7.19 22.02 9.92
C LYS A 168 -8.33 21.00 9.86
N ALA A 169 -8.99 20.89 8.70
CA ALA A 169 -10.04 19.89 8.52
C ALA A 169 -9.46 18.47 8.65
N ALA A 170 -8.28 18.26 8.06
CA ALA A 170 -7.63 16.98 8.15
C ALA A 170 -7.38 16.61 9.62
N LEU A 171 -6.79 17.53 10.38
CA LEU A 171 -6.48 17.25 11.77
C LEU A 171 -7.76 17.05 12.58
N ALA A 172 -8.82 17.78 12.24
CA ALA A 172 -10.10 17.65 12.95
C ALA A 172 -10.74 16.25 12.81
N ASP A 173 -10.48 15.58 11.69
CA ASP A 173 -11.04 14.25 11.45
C ASP A 173 -10.45 13.19 12.37
N PHE A 174 -9.43 13.53 13.16
CA PHE A 174 -8.83 12.54 14.08
C PHE A 174 -9.60 12.39 15.41
N HIS A 175 -10.48 13.36 15.71
CA HIS A 175 -11.21 13.36 16.97
C HIS A 175 -12.68 13.62 16.74
N GLU A 176 -13.49 13.35 17.76
CA GLU A 176 -14.91 13.67 17.69
C GLU A 176 -15.14 15.17 17.50
N LYS A 177 -16.22 15.49 16.79
CA LYS A 177 -16.64 16.86 16.57
C LYS A 177 -18.10 16.81 16.13
N ASP A 178 -18.62 17.92 15.58
CA ASP A 178 -20.04 18.01 15.24
CA ASP A 178 -20.05 18.01 15.24
C ASP A 178 -20.38 17.31 13.92
N THR A 179 -19.35 16.89 13.19
CA THR A 179 -19.52 16.12 11.96
C THR A 179 -18.75 14.81 12.08
N PRO A 180 -19.15 13.79 11.31
CA PRO A 180 -18.35 12.56 11.24
C PRO A 180 -17.05 12.79 10.47
N VAL A 181 -16.28 11.73 10.26
CA VAL A 181 -15.04 11.85 9.51
C VAL A 181 -15.36 12.21 8.04
N LEU A 182 -14.99 13.42 7.63
CA LEU A 182 -15.27 13.91 6.28
C LEU A 182 -14.48 13.15 5.22
N TRP A 183 -13.28 12.68 5.56
CA TRP A 183 -12.52 11.86 4.61
C TRP A 183 -13.07 10.44 4.47
N VAL A 184 -14.23 10.18 5.09
CA VAL A 184 -15.09 9.08 4.67
C VAL A 184 -16.37 9.60 3.97
N THR A 185 -17.09 10.49 4.63
CA THR A 185 -18.43 10.83 4.15
C THR A 185 -18.43 11.66 2.87
N THR A 186 -17.32 12.35 2.57
CA THR A 186 -17.28 13.15 1.34
C THR A 186 -16.62 12.42 0.17
N VAL A 187 -16.16 11.18 0.38
CA VAL A 187 -15.43 10.48 -0.67
C VAL A 187 -16.16 9.25 -1.20
N LEU A 188 -17.25 8.87 -0.53
CA LEU A 188 -18.08 7.76 -0.99
C LEU A 188 -19.43 8.33 -1.43
N PRO A 189 -20.11 7.63 -2.35
CA PRO A 189 -21.42 8.12 -2.80
C PRO A 189 -22.42 8.17 -1.65
N PRO A 190 -23.34 9.14 -1.67
CA PRO A 190 -24.37 9.24 -0.62
C PRO A 190 -25.09 7.92 -0.35
N SER A 191 -25.38 7.13 -1.37
CA SER A 191 -26.11 5.87 -1.11
C SER A 191 -25.29 4.90 -0.26
N ARG A 192 -23.98 4.87 -0.50
CA ARG A 192 -23.06 4.04 0.28
C ARG A 192 -22.96 4.58 1.71
N VAL A 193 -22.83 5.90 1.85
CA VAL A 193 -22.76 6.51 3.18
C VAL A 193 -24.04 6.19 3.96
N LYS A 194 -25.17 6.16 3.27
CA LYS A 194 -26.44 5.86 3.92
C LYS A 194 -26.50 4.42 4.43
N VAL A 195 -26.06 3.47 3.61
CA VAL A 195 -25.98 2.07 4.01
C VAL A 195 -25.10 1.92 5.23
N LEU A 196 -23.93 2.57 5.21
CA LEU A 196 -22.99 2.45 6.31
C LEU A 196 -23.53 3.10 7.58
N SER A 197 -24.15 4.26 7.43
CA SER A 197 -24.75 4.96 8.56
CA SER A 197 -24.74 4.95 8.57
C SER A 197 -25.85 4.13 9.22
N ALA A 198 -26.63 3.42 8.40
CA ALA A 198 -27.73 2.62 8.93
C ALA A 198 -27.22 1.54 9.85
N HIS A 199 -25.99 1.09 9.61
CA HIS A 199 -25.37 0.05 10.41
C HIS A 199 -24.43 0.60 11.49
N GLY A 200 -24.40 1.92 11.63
CA GLY A 200 -23.57 2.59 12.62
C GLY A 200 -22.09 2.53 12.31
N LEU A 201 -21.73 2.42 11.04
CA LEU A 201 -20.34 2.14 10.66
C LEU A 201 -19.50 3.38 10.28
N ILE A 202 -20.09 4.57 10.24
CA ILE A 202 -19.32 5.76 9.91
C ILE A 202 -18.48 6.19 11.12
N PRO A 203 -17.15 6.28 10.94
CA PRO A 203 -16.29 6.70 12.05
C PRO A 203 -16.59 8.10 12.59
N ALA A 204 -16.46 8.28 13.91
CA ALA A 204 -16.64 9.58 14.54
C ALA A 204 -15.35 10.40 14.52
N GLY A 205 -14.20 9.71 14.50
CA GLY A 205 -12.89 10.32 14.50
C GLY A 205 -11.87 9.22 14.33
N ILE A 206 -10.77 9.50 13.64
CA ILE A 206 -9.83 8.44 13.31
C ILE A 206 -9.17 7.84 14.57
N ASP A 207 -8.54 8.68 15.38
CA ASP A 207 -7.88 8.18 16.58
C ASP A 207 -8.91 7.77 17.64
N HIS A 208 -10.08 8.39 17.59
CA HIS A 208 -11.19 8.00 18.44
C HIS A 208 -11.56 6.54 18.21
N GLU A 209 -11.67 6.11 16.95
CA GLU A 209 -12.05 4.73 16.65
C GLU A 209 -10.93 3.76 17.08
N ILE A 210 -9.68 4.14 16.80
CA ILE A 210 -8.54 3.32 17.21
C ILE A 210 -8.57 3.06 18.72
N ALA A 211 -8.77 4.13 19.49
CA ALA A 211 -8.82 4.00 20.94
C ALA A 211 -10.05 3.14 21.36
N GLU A 212 -11.19 3.35 20.73
CA GLU A 212 -12.37 2.57 21.08
C GLU A 212 -12.18 1.08 20.78
N ILE A 213 -11.47 0.74 19.71
CA ILE A 213 -11.16 -0.65 19.45
C ILE A 213 -10.32 -1.23 20.58
N MET A 214 -9.27 -0.50 20.96
CA MET A 214 -8.37 -1.01 21.99
C MET A 214 -9.11 -1.18 23.33
N HIS A 215 -10.06 -0.30 23.60
CA HIS A 215 -10.91 -0.39 24.79
C HIS A 215 -11.81 -1.63 24.69
N ARG A 216 -12.59 -1.72 23.62
CA ARG A 216 -13.63 -2.75 23.56
C ARG A 216 -13.06 -4.16 23.51
N THR A 217 -11.82 -4.26 23.04
CA THR A 217 -11.16 -5.56 22.92
C THR A 217 -10.33 -5.90 24.16
N SER A 218 -10.24 -4.99 25.11
CA SER A 218 -9.55 -5.27 26.37
C SER A 218 -10.40 -6.21 27.22
N MET A 219 -9.81 -6.77 28.27
CA MET A 219 -10.46 -7.82 29.03
C MET A 219 -11.78 -7.32 29.63
N GLY A 220 -12.81 -8.16 29.53
CA GLY A 220 -14.06 -7.90 30.23
C GLY A 220 -14.90 -6.80 29.62
N CYS A 221 -14.71 -6.57 28.33
CA CYS A 221 -15.50 -5.59 27.58
CA CYS A 221 -15.50 -5.61 27.58
C CYS A 221 -16.36 -6.30 26.52
N ASP A 222 -16.20 -5.93 25.25
CA ASP A 222 -17.06 -6.47 24.19
C ASP A 222 -16.77 -7.96 24.01
N ALA A 223 -17.83 -8.75 23.97
CA ALA A 223 -17.78 -10.21 23.95
C ALA A 223 -18.95 -10.75 23.16
N ASP A 224 -19.19 -10.13 22.01
CA ASP A 224 -20.15 -10.61 21.02
C ASP A 224 -19.50 -10.46 19.66
N ALA A 225 -19.36 -11.56 18.91
CA ALA A 225 -18.56 -11.55 17.70
C ALA A 225 -19.09 -10.54 16.69
N GLN A 226 -20.40 -10.52 16.48
CA GLN A 226 -20.97 -9.61 15.49
CA GLN A 226 -20.97 -9.60 15.50
C GLN A 226 -20.72 -8.16 15.90
N ASN A 227 -20.94 -7.86 17.19
CA ASN A 227 -20.73 -6.50 17.68
C ASN A 227 -19.26 -6.09 17.50
N LEU A 228 -18.34 -6.98 17.85
CA LEU A 228 -16.92 -6.72 17.71
C LEU A 228 -16.56 -6.47 16.26
N LEU A 229 -17.09 -7.28 15.35
CA LEU A 229 -16.71 -7.18 13.95
C LEU A 229 -17.30 -5.92 13.31
N LEU A 230 -18.49 -5.52 13.73
CA LEU A 230 -19.03 -4.24 13.26
C LEU A 230 -18.08 -3.11 13.69
N GLY A 231 -17.57 -3.18 14.91
CA GLY A 231 -16.59 -2.20 15.36
C GLY A 231 -15.36 -2.18 14.48
N GLY A 232 -14.90 -3.37 14.10
CA GLY A 232 -13.79 -3.50 13.17
C GLY A 232 -14.06 -2.89 11.81
N LEU A 233 -15.25 -3.07 11.27
CA LEU A 233 -15.60 -2.45 9.99
C LEU A 233 -15.54 -0.93 10.12
N ARG A 234 -16.07 -0.39 11.21
CA ARG A 234 -16.04 1.05 11.41
C ARG A 234 -14.57 1.52 11.51
N CYS A 235 -13.74 0.80 12.24
CA CYS A 235 -12.35 1.22 12.37
C CYS A 235 -11.64 1.10 11.02
N SER A 236 -12.05 0.16 10.19
CA SER A 236 -11.43 0.07 8.86
C SER A 236 -11.75 1.32 8.03
N LEU A 237 -12.93 1.91 8.21
CA LEU A 237 -13.22 3.17 7.53
C LEU A 237 -12.38 4.34 8.06
N ALA A 238 -11.99 4.29 9.34
CA ALA A 238 -11.04 5.27 9.86
C ALA A 238 -9.71 5.10 9.13
N ASP A 239 -9.35 3.87 8.82
CA ASP A 239 -8.15 3.61 8.03
C ASP A 239 -8.28 4.16 6.62
N LEU A 240 -9.43 3.92 5.98
CA LEU A 240 -9.68 4.49 4.65
C LEU A 240 -9.51 6.00 4.65
N ALA A 241 -10.05 6.64 5.67
CA ALA A 241 -9.93 8.10 5.78
C ALA A 241 -8.46 8.53 5.84
N GLY A 242 -7.67 7.83 6.65
CA GLY A 242 -6.24 8.10 6.74
C GLY A 242 -5.55 7.91 5.39
N CYS A 243 -5.88 6.85 4.68
CA CYS A 243 -5.31 6.64 3.35
C CYS A 243 -5.66 7.77 2.38
N TYR A 244 -6.94 8.13 2.33
CA TYR A 244 -7.42 9.10 1.36
C TYR A 244 -6.81 10.46 1.70
N MET A 245 -6.76 10.77 2.99
CA MET A 245 -6.16 12.01 3.47
C MET A 245 -4.66 12.07 3.10
N GLY A 246 -3.97 10.94 3.29
CA GLY A 246 -2.57 10.85 2.90
C GLY A 246 -2.32 11.14 1.43
N THR A 247 -3.11 10.50 0.58
CA THR A 247 -3.00 10.73 -0.87
C THR A 247 -3.33 12.19 -1.22
N ASP A 248 -4.43 12.72 -0.67
CA ASP A 248 -4.83 14.09 -0.95
C ASP A 248 -3.71 15.07 -0.60
N LEU A 249 -3.20 14.97 0.62
CA LEU A 249 -2.20 15.91 1.11
C LEU A 249 -0.86 15.77 0.38
N ALA A 250 -0.46 14.54 0.08
CA ALA A 250 0.79 14.31 -0.66
C ALA A 250 0.68 14.87 -2.07
N ASP A 251 -0.50 14.78 -2.68
CA ASP A 251 -0.68 15.34 -4.01
C ASP A 251 -0.59 16.86 -3.96
N ILE A 252 -1.18 17.48 -2.94
CA ILE A 252 -1.08 18.93 -2.79
C ILE A 252 0.38 19.37 -2.68
N LEU A 253 1.14 18.68 -1.81
CA LEU A 253 2.50 19.09 -1.49
C LEU A 253 3.49 18.74 -2.59
N PHE A 254 3.26 17.61 -3.27
CA PHE A 254 4.32 17.05 -4.11
C PHE A 254 3.93 16.85 -5.57
N GLY A 255 2.66 17.07 -5.88
CA GLY A 255 2.12 16.96 -7.23
C GLY A 255 1.30 15.68 -7.44
N THR A 256 0.22 15.78 -8.19
CA THR A 256 -0.55 14.60 -8.55
C THR A 256 0.18 13.83 -9.64
N PRO A 257 0.37 12.50 -9.46
CA PRO A 257 1.08 11.74 -10.50
C PRO A 257 0.42 11.79 -11.87
N ALA A 258 1.27 11.74 -12.90
CA ALA A 258 0.84 11.57 -14.29
C ALA A 258 1.77 10.51 -14.90
N PRO A 259 1.40 9.98 -16.08
CA PRO A 259 2.19 8.87 -16.61
C PRO A 259 3.67 9.17 -16.71
N VAL A 260 4.46 8.19 -16.27
N VAL A 260 4.50 8.21 -16.30
CA VAL A 260 5.92 8.30 -16.23
CA VAL A 260 5.95 8.40 -16.31
C VAL A 260 6.50 7.01 -16.74
C VAL A 260 6.61 7.05 -16.56
N VAL A 261 7.76 7.07 -17.13
N VAL A 261 7.75 7.04 -17.23
CA VAL A 261 8.50 5.89 -17.57
CA VAL A 261 8.44 5.81 -17.55
C VAL A 261 9.75 5.76 -16.69
C VAL A 261 9.77 5.71 -16.80
N THR A 262 10.00 4.56 -16.19
CA THR A 262 11.18 4.30 -15.40
C THR A 262 11.53 2.82 -15.46
N GLU A 263 12.22 2.31 -14.45
CA GLU A 263 12.69 0.93 -14.44
C GLU A 263 12.56 0.35 -13.04
N SER A 264 12.61 -0.97 -12.94
CA SER A 264 12.59 -1.63 -11.64
C SER A 264 13.49 -2.86 -11.57
N ASN A 265 13.76 -3.23 -10.31
CA ASN A 265 14.56 -4.37 -9.89
C ASN A 265 16.02 -3.99 -9.61
N LEU A 266 16.81 -4.93 -9.09
CA LEU A 266 18.11 -4.61 -8.51
C LEU A 266 19.07 -4.03 -9.51
N GLY A 267 18.87 -4.35 -10.79
CA GLY A 267 19.71 -3.83 -11.86
C GLY A 267 19.68 -2.31 -12.00
N VAL A 268 18.77 -1.63 -11.30
CA VAL A 268 18.75 -0.16 -11.31
C VAL A 268 19.84 0.45 -10.44
N LEU A 269 20.46 -0.36 -9.58
CA LEU A 269 21.64 0.08 -8.83
C LEU A 269 22.81 0.21 -9.81
N LYS A 270 23.72 1.14 -9.53
CA LYS A 270 24.87 1.42 -10.39
C LYS A 270 26.16 1.44 -9.57
N ALA A 271 27.09 0.55 -9.90
CA ALA A 271 28.32 0.42 -9.12
C ALA A 271 29.08 1.73 -9.01
N ASP A 272 29.03 2.55 -10.07
CA ASP A 272 29.84 3.77 -10.13
C ASP A 272 29.14 4.99 -9.55
N ALA A 273 27.95 4.78 -8.99
CA ALA A 273 27.19 5.88 -8.38
C ALA A 273 27.08 5.68 -6.86
N VAL A 274 26.72 6.75 -6.16
CA VAL A 274 26.31 6.64 -4.76
C VAL A 274 24.86 6.16 -4.76
N ASN A 275 24.64 4.90 -4.40
CA ASN A 275 23.29 4.35 -4.40
C ASN A 275 22.62 4.57 -3.04
N VAL A 276 21.49 5.27 -3.07
CA VAL A 276 20.75 5.63 -1.89
C VAL A 276 19.32 5.15 -2.04
N ALA A 277 18.89 4.23 -1.17
CA ALA A 277 17.52 3.77 -1.15
C ALA A 277 16.70 4.62 -0.19
N VAL A 278 15.53 5.07 -0.63
CA VAL A 278 14.52 5.61 0.26
C VAL A 278 13.53 4.47 0.52
N HIS A 279 13.28 4.23 1.81
CA HIS A 279 12.57 3.05 2.25
C HIS A 279 11.66 3.45 3.43
N GLY A 280 10.49 2.85 3.49
CA GLY A 280 9.46 3.27 4.41
C GLY A 280 8.27 3.79 3.65
N HIS A 281 7.71 4.93 4.07
CA HIS A 281 6.39 5.35 3.62
C HIS A 281 6.13 6.80 3.24
N ASN A 282 6.70 7.77 3.95
CA ASN A 282 6.23 9.14 3.78
C ASN A 282 7.02 10.04 2.79
N PRO A 283 6.32 10.54 1.77
CA PRO A 283 7.01 11.42 0.81
C PRO A 283 7.55 12.73 1.42
N VAL A 284 7.07 13.12 2.59
CA VAL A 284 7.62 14.30 3.25
C VAL A 284 9.15 14.20 3.30
N LEU A 285 9.63 12.99 3.57
CA LEU A 285 11.05 12.68 3.60
C LEU A 285 11.62 12.42 2.19
N SER A 286 11.11 11.40 1.52
CA SER A 286 11.72 10.92 0.27
C SER A 286 11.71 11.96 -0.84
N ASP A 287 10.68 12.80 -0.87
CA ASP A 287 10.56 13.77 -1.94
C ASP A 287 11.70 14.79 -1.89
N ILE A 288 12.08 15.16 -0.68
CA ILE A 288 13.18 16.08 -0.46
C ILE A 288 14.53 15.41 -0.74
N ILE A 289 14.68 14.15 -0.32
CA ILE A 289 15.90 13.41 -0.64
C ILE A 289 16.12 13.46 -2.16
N VAL A 290 15.05 13.26 -2.92
CA VAL A 290 15.17 13.26 -4.38
C VAL A 290 15.63 14.62 -4.91
N SER A 291 14.95 15.69 -4.50
CA SER A 291 15.31 17.00 -5.01
C SER A 291 16.72 17.40 -4.58
N VAL A 292 17.06 17.15 -3.33
CA VAL A 292 18.37 17.56 -2.81
C VAL A 292 19.50 16.74 -3.43
N SER A 293 19.26 15.46 -3.69
N SER A 293 19.25 15.46 -3.68
CA SER A 293 20.27 14.60 -4.31
CA SER A 293 20.25 14.60 -4.31
C SER A 293 20.69 15.16 -5.67
C SER A 293 20.69 15.16 -5.67
N LYS A 294 19.78 15.79 -6.37
CA LYS A 294 20.09 16.37 -7.68
C LYS A 294 21.01 17.59 -7.54
N GLU A 295 20.86 18.32 -6.44
CA GLU A 295 21.70 19.48 -6.17
C GLU A 295 23.10 19.10 -5.71
N MET A 296 23.28 17.85 -5.27
N MET A 296 23.26 17.84 -5.28
CA MET A 296 24.56 17.42 -4.71
CA MET A 296 24.51 17.35 -4.70
C MET A 296 25.38 16.60 -5.70
C MET A 296 25.33 16.54 -5.69
N GLU A 297 24.99 16.63 -6.98
CA GLU A 297 25.70 15.88 -8.01
C GLU A 297 27.20 16.19 -8.05
N ASN A 298 27.57 17.47 -8.04
CA ASN A 298 28.97 17.83 -8.13
C ASN A 298 29.76 17.36 -6.92
N GLU A 299 29.13 17.41 -5.76
CA GLU A 299 29.75 16.93 -4.52
C GLU A 299 29.96 15.42 -4.56
N ALA A 300 29.02 14.69 -5.16
CA ALA A 300 29.18 13.27 -5.35
C ALA A 300 30.31 13.00 -6.35
N ARG A 301 30.40 13.82 -7.39
CA ARG A 301 31.44 13.64 -8.40
C ARG A 301 32.83 13.94 -7.82
N ALA A 302 32.89 14.89 -6.89
CA ALA A 302 34.16 15.21 -6.23
C ALA A 302 34.65 14.00 -5.44
N ALA A 303 33.72 13.13 -5.08
CA ALA A 303 34.02 11.96 -4.27
C ALA A 303 34.33 10.75 -5.15
N GLY A 304 34.29 10.95 -6.47
CA GLY A 304 34.63 9.88 -7.39
C GLY A 304 33.45 9.09 -7.91
N ALA A 305 32.24 9.56 -7.63
CA ALA A 305 31.02 8.90 -8.12
C ALA A 305 30.56 9.62 -9.37
N THR A 306 29.62 9.02 -10.09
CA THR A 306 29.02 9.67 -11.26
C THR A 306 27.93 10.64 -10.82
N GLY A 307 27.44 10.44 -9.61
CA GLY A 307 26.33 11.19 -9.08
C GLY A 307 25.64 10.40 -8.00
N ILE A 308 24.54 10.91 -7.47
CA ILE A 308 23.73 10.17 -6.50
C ILE A 308 22.58 9.50 -7.22
N ASN A 309 22.51 8.18 -7.08
CA ASN A 309 21.47 7.38 -7.69
C ASN A 309 20.44 6.99 -6.63
N VAL A 310 19.36 7.76 -6.55
CA VAL A 310 18.28 7.46 -5.62
C VAL A 310 17.39 6.35 -6.19
N VAL A 311 17.12 5.34 -5.36
CA VAL A 311 16.28 4.23 -5.77
C VAL A 311 15.24 3.99 -4.67
N GLY A 312 14.13 3.37 -5.01
CA GLY A 312 13.05 3.17 -4.06
C GLY A 312 12.89 1.76 -3.54
N ILE A 313 12.45 1.67 -2.29
CA ILE A 313 11.99 0.42 -1.70
C ILE A 313 10.64 0.68 -1.05
N CYS A 314 9.73 -0.28 -1.19
CA CYS A 314 8.42 -0.21 -0.56
C CYS A 314 7.67 1.07 -0.94
N CYS A 315 6.78 1.57 -0.08
CA CYS A 315 5.82 2.60 -0.46
CA CYS A 315 5.86 2.58 -0.57
C CYS A 315 6.47 3.95 -0.75
N THR A 316 7.44 4.34 0.05
N THR A 316 7.42 4.35 0.09
CA THR A 316 8.06 5.63 -0.19
CA THR A 316 8.17 5.57 -0.16
C THR A 316 8.77 5.58 -1.56
C THR A 316 8.67 5.53 -1.59
N GLY A 317 9.29 4.41 -1.94
CA GLY A 317 9.79 4.19 -3.28
C GLY A 317 8.67 4.38 -4.30
N ASN A 318 7.50 3.81 -4.05
CA ASN A 318 6.36 4.01 -4.95
C ASN A 318 5.99 5.49 -5.09
N GLU A 319 6.05 6.25 -3.98
CA GLU A 319 5.68 7.66 -4.02
C GLU A 319 6.59 8.43 -5.01
N VAL A 320 7.91 8.22 -4.90
CA VAL A 320 8.83 8.96 -5.76
C VAL A 320 8.92 8.36 -7.16
N LEU A 321 8.57 7.08 -7.32
CA LEU A 321 8.41 6.50 -8.65
C LEU A 321 7.23 7.17 -9.37
N MET A 322 6.11 7.29 -8.67
CA MET A 322 4.88 7.81 -9.27
C MET A 322 5.03 9.27 -9.67
N ARG A 323 5.72 10.05 -8.85
CA ARG A 323 5.82 11.48 -9.06
C ARG A 323 7.03 11.89 -9.92
N HIS A 324 8.14 11.14 -9.81
CA HIS A 324 9.39 11.58 -10.41
C HIS A 324 10.08 10.56 -11.27
N GLY A 325 9.52 9.37 -11.36
CA GLY A 325 10.14 8.32 -12.15
C GLY A 325 11.40 7.77 -11.52
N ILE A 326 11.54 7.89 -10.20
CA ILE A 326 12.68 7.27 -9.50
C ILE A 326 12.53 5.76 -9.61
N PRO A 327 13.60 5.06 -10.05
CA PRO A 327 13.47 3.62 -10.25
C PRO A 327 13.30 2.85 -8.94
N ALA A 328 12.50 1.80 -8.98
CA ALA A 328 12.25 0.95 -7.82
C ALA A 328 13.29 -0.17 -7.79
N CYS A 329 13.97 -0.27 -6.67
N CYS A 329 14.01 -0.34 -6.69
CA CYS A 329 15.00 -1.26 -6.48
CA CYS A 329 15.01 -1.41 -6.67
C CYS A 329 14.37 -2.63 -6.17
C CYS A 329 14.45 -2.72 -6.11
N THR A 330 13.60 -2.68 -5.10
CA THR A 330 12.92 -3.88 -4.66
C THR A 330 11.80 -3.56 -3.69
N HIS A 331 11.14 -4.59 -3.14
CA HIS A 331 9.93 -4.42 -2.34
C HIS A 331 9.83 -5.46 -1.24
N SER A 332 9.20 -5.06 -0.15
CA SER A 332 8.67 -5.96 0.84
C SER A 332 9.68 -7.04 1.28
N VAL A 333 9.31 -8.29 1.11
CA VAL A 333 10.06 -9.40 1.70
C VAL A 333 11.52 -9.47 1.25
N SER A 334 11.83 -9.00 0.04
CA SER A 334 13.19 -9.10 -0.51
C SER A 334 14.05 -7.86 -0.25
N GLN A 335 13.60 -6.98 0.62
CA GLN A 335 14.32 -5.72 0.86
C GLN A 335 15.79 -5.89 1.26
N GLU A 336 16.13 -6.94 2.00
CA GLU A 336 17.54 -7.14 2.43
C GLU A 336 18.46 -7.34 1.23
N MET A 337 17.91 -7.85 0.14
CA MET A 337 18.72 -8.25 -1.01
C MET A 337 19.40 -7.05 -1.68
N ALA A 338 18.81 -5.87 -1.59
CA ALA A 338 19.43 -4.68 -2.13
C ALA A 338 20.78 -4.47 -1.45
N MET A 339 20.84 -4.73 -0.15
CA MET A 339 22.07 -4.55 0.62
C MET A 339 23.13 -5.60 0.24
N ILE A 340 22.67 -6.81 -0.06
CA ILE A 340 23.58 -7.91 -0.34
C ILE A 340 24.41 -7.67 -1.61
N THR A 341 23.92 -6.82 -2.52
CA THR A 341 24.71 -6.47 -3.70
C THR A 341 26.08 -5.91 -3.33
N GLY A 342 26.18 -5.29 -2.17
CA GLY A 342 27.40 -4.58 -1.78
C GLY A 342 27.50 -3.15 -2.30
N ALA A 343 26.52 -2.71 -3.10
CA ALA A 343 26.56 -1.40 -3.74
C ALA A 343 25.59 -0.39 -3.11
N LEU A 344 24.86 -0.80 -2.07
CA LEU A 344 23.90 0.11 -1.45
C LEU A 344 24.60 0.92 -0.38
N ASP A 345 24.88 2.18 -0.69
CA ASP A 345 25.64 3.04 0.20
C ASP A 345 24.84 3.58 1.38
N ALA A 346 23.55 3.82 1.17
CA ALA A 346 22.69 4.26 2.26
C ALA A 346 21.27 3.77 2.05
N MET A 347 20.61 3.52 3.17
CA MET A 347 19.20 3.18 3.20
C MET A 347 18.56 4.16 4.18
N ILE A 348 17.75 5.06 3.66
CA ILE A 348 17.17 6.16 4.45
C ILE A 348 15.73 5.82 4.83
N LEU A 349 15.47 5.73 6.13
CA LEU A 349 14.23 5.18 6.65
C LEU A 349 13.35 6.23 7.35
N ASP A 350 12.04 6.11 7.20
CA ASP A 350 11.13 6.82 8.10
CA ASP A 350 11.08 6.83 8.03
C ASP A 350 10.35 5.84 8.97
N TYR A 351 9.34 5.17 8.46
CA TYR A 351 8.61 4.18 9.25
C TYR A 351 7.79 3.21 8.40
N GLN A 352 7.54 2.06 9.01
CA GLN A 352 6.67 0.99 8.52
C GLN A 352 7.33 0.08 7.49
N CYS A 353 7.19 -1.23 7.73
CA CYS A 353 7.53 -2.28 6.78
C CYS A 353 9.03 -2.47 6.53
N ILE A 354 9.84 -1.87 7.40
CA ILE A 354 11.29 -2.02 7.35
C ILE A 354 11.70 -3.17 8.27
N GLN A 355 12.21 -4.24 7.69
CA GLN A 355 12.72 -5.35 8.48
C GLN A 355 13.85 -4.84 9.37
N PRO A 356 13.72 -4.98 10.69
CA PRO A 356 14.81 -4.42 11.51
C PRO A 356 16.14 -5.16 11.35
N SER A 357 16.11 -6.32 10.72
CA SER A 357 17.33 -7.01 10.31
C SER A 357 18.27 -6.11 9.51
N VAL A 358 17.75 -5.11 8.81
CA VAL A 358 18.62 -4.28 7.97
C VAL A 358 19.75 -3.65 8.78
N ALA A 359 19.49 -3.34 10.04
CA ALA A 359 20.49 -2.70 10.89
C ALA A 359 21.68 -3.61 11.16
N THR A 360 21.44 -4.91 11.25
N THR A 360 21.45 -4.91 11.29
CA THR A 360 22.49 -5.89 11.53
CA THR A 360 22.58 -5.82 11.54
C THR A 360 23.20 -6.31 10.26
C THR A 360 23.24 -6.22 10.22
N ILE A 361 22.44 -6.44 9.17
CA ILE A 361 22.98 -6.80 7.87
C ILE A 361 23.91 -5.69 7.37
N ALA A 362 23.61 -4.46 7.72
CA ALA A 362 24.42 -3.31 7.32
C ALA A 362 25.86 -3.45 7.78
N GLU A 363 26.07 -4.09 8.94
CA GLU A 363 27.41 -4.32 9.45
C GLU A 363 28.22 -5.18 8.49
N CYS A 364 27.57 -6.13 7.84
CA CYS A 364 28.22 -7.06 6.92
CA CYS A 364 28.26 -7.04 6.93
C CYS A 364 28.42 -6.45 5.53
N THR A 365 27.48 -5.63 5.10
CA THR A 365 27.46 -5.13 3.72
C THR A 365 28.10 -3.76 3.51
N GLY A 366 28.29 -3.00 4.59
N GLY A 366 28.31 -3.00 4.57
CA GLY A 366 28.88 -1.67 4.53
CA GLY A 366 28.88 -1.67 4.44
C GLY A 366 27.85 -0.55 4.46
C GLY A 366 27.86 -0.66 3.94
N THR A 367 26.59 -0.92 4.21
CA THR A 367 25.53 0.05 3.98
C THR A 367 25.32 0.89 5.24
N THR A 368 25.09 2.19 5.05
CA THR A 368 24.73 3.06 6.16
C THR A 368 23.21 3.16 6.26
N VAL A 369 22.64 2.57 7.32
CA VAL A 369 21.20 2.62 7.54
C VAL A 369 20.92 3.80 8.45
N ILE A 370 19.99 4.64 8.02
CA ILE A 370 19.74 5.90 8.71
C ILE A 370 18.25 6.05 9.03
N THR A 371 17.93 6.16 10.32
CA THR A 371 16.56 6.44 10.74
C THR A 371 16.38 7.95 10.89
N THR A 372 15.14 8.42 10.78
CA THR A 372 14.90 9.87 10.73
C THR A 372 13.72 10.35 11.58
N MET A 373 12.90 9.42 12.08
CA MET A 373 11.70 9.77 12.81
C MET A 373 11.81 9.32 14.26
N GLU A 374 11.37 10.17 15.18
CA GLU A 374 11.54 9.92 16.60
C GLU A 374 10.88 8.62 17.06
N MET A 375 9.73 8.27 16.48
N MET A 375 9.75 8.27 16.45
CA MET A 375 9.01 7.07 16.92
CA MET A 375 9.00 7.10 16.87
C MET A 375 9.38 5.80 16.16
C MET A 375 9.28 5.88 15.99
N SER A 376 10.46 5.85 15.37
CA SER A 376 10.87 4.68 14.61
C SER A 376 12.40 4.56 14.50
N LYS A 377 13.01 4.05 15.55
CA LYS A 377 14.46 3.86 15.59
C LYS A 377 14.78 2.37 15.54
N ILE A 378 16.01 2.03 15.15
CA ILE A 378 16.43 0.65 15.12
C ILE A 378 17.81 0.57 15.75
N THR A 379 17.95 -0.24 16.79
CA THR A 379 19.21 -0.36 17.47
C THR A 379 20.33 -0.69 16.47
N GLY A 380 21.41 0.09 16.53
CA GLY A 380 22.54 -0.10 15.64
C GLY A 380 22.54 0.73 14.38
N ALA A 381 21.42 1.37 14.09
N ALA A 381 21.43 1.41 14.10
CA ALA A 381 21.34 2.30 12.99
CA ALA A 381 21.32 2.27 12.93
C ALA A 381 21.90 3.65 13.42
C ALA A 381 21.48 3.74 13.30
N THR A 382 22.18 4.50 12.47
CA THR A 382 22.47 5.89 12.73
C THR A 382 21.18 6.69 12.67
N HIS A 383 20.93 7.49 13.69
CA HIS A 383 19.75 8.34 13.70
C HIS A 383 20.11 9.77 13.36
N VAL A 384 19.47 10.30 12.34
CA VAL A 384 19.64 11.68 11.97
C VAL A 384 18.26 12.28 11.93
N ASN A 385 17.93 13.10 12.92
CA ASN A 385 16.58 13.62 12.95
CA ASN A 385 16.62 13.71 13.00
C ASN A 385 16.29 14.45 11.72
N PHE A 386 15.08 14.29 11.19
N PHE A 386 15.11 14.18 11.20
CA PHE A 386 14.65 15.03 9.99
CA PHE A 386 14.53 15.00 10.16
C PHE A 386 13.44 15.90 10.31
C PHE A 386 13.55 15.95 10.79
N ALA A 387 13.66 17.21 10.40
CA ALA A 387 12.64 18.20 10.74
C ALA A 387 12.22 18.88 9.46
N GLU A 388 10.92 18.99 9.22
CA GLU A 388 10.43 19.61 7.99
CA GLU A 388 10.45 19.59 7.98
C GLU A 388 10.96 21.03 7.92
N GLU A 389 11.10 21.66 9.08
CA GLU A 389 11.57 23.02 9.20
C GLU A 389 13.02 23.18 8.72
N ALA A 390 13.75 22.07 8.65
CA ALA A 390 15.15 22.08 8.23
C ALA A 390 15.44 20.98 7.21
N ALA A 391 14.45 20.66 6.38
CA ALA A 391 14.48 19.48 5.53
C ALA A 391 15.72 19.42 4.63
N VAL A 392 16.04 20.52 3.97
CA VAL A 392 17.15 20.51 3.03
C VAL A 392 18.48 20.26 3.75
N GLU A 393 18.70 20.96 4.85
CA GLU A 393 19.96 20.77 5.59
C GLU A 393 20.07 19.35 6.15
N ASN A 394 18.97 18.83 6.68
CA ASN A 394 18.98 17.47 7.22
CA ASN A 394 18.97 17.47 7.20
C ASN A 394 19.21 16.46 6.09
N ALA A 395 18.64 16.72 4.92
CA ALA A 395 18.85 15.84 3.77
C ALA A 395 20.31 15.85 3.33
N LYS A 396 20.92 17.02 3.30
CA LYS A 396 22.34 17.10 2.95
C LYS A 396 23.21 16.34 3.93
N GLN A 397 22.91 16.43 5.23
CA GLN A 397 23.66 15.70 6.24
C GLN A 397 23.58 14.20 5.95
N ILE A 398 22.37 13.73 5.69
CA ILE A 398 22.12 12.33 5.41
C ILE A 398 22.87 11.88 4.15
N LEU A 399 22.79 12.68 3.10
CA LEU A 399 23.42 12.31 1.83
C LEU A 399 24.94 12.37 1.92
N ARG A 400 25.47 13.20 2.80
CA ARG A 400 26.92 13.25 2.98
C ARG A 400 27.44 11.99 3.66
N LEU A 401 26.63 11.40 4.55
CA LEU A 401 26.96 10.08 5.08
C LEU A 401 27.00 9.04 3.95
N ALA A 402 26.05 9.11 3.02
CA ALA A 402 26.02 8.19 1.88
C ALA A 402 27.27 8.33 1.02
N ILE A 403 27.67 9.57 0.76
CA ILE A 403 28.84 9.82 -0.06
C ILE A 403 30.09 9.27 0.63
N ASP A 404 30.22 9.49 1.93
CA ASP A 404 31.35 8.93 2.68
C ASP A 404 31.39 7.42 2.54
N THR A 405 30.22 6.79 2.54
CA THR A 405 30.12 5.34 2.46
C THR A 405 30.56 4.84 1.07
N PHE A 406 30.15 5.55 0.02
CA PHE A 406 30.61 5.23 -1.32
C PHE A 406 32.13 5.23 -1.37
N LYS A 407 32.75 6.23 -0.77
CA LYS A 407 34.20 6.32 -0.77
C LYS A 407 34.86 5.12 -0.09
N ARG A 408 34.21 4.59 0.95
CA ARG A 408 34.79 3.47 1.68
C ARG A 408 34.81 2.19 0.87
N ARG A 409 33.93 2.06 -0.13
CA ARG A 409 33.92 0.85 -0.95
C ARG A 409 34.70 0.99 -2.24
N LYS A 410 35.54 2.01 -2.33
CA LYS A 410 36.41 2.15 -3.49
C LYS A 410 37.24 0.89 -3.64
N GLY A 411 37.20 0.31 -4.84
CA GLY A 411 37.99 -0.87 -5.15
C GLY A 411 37.40 -2.19 -4.71
N LYS A 412 36.18 -2.16 -4.15
CA LYS A 412 35.54 -3.37 -3.67
CA LYS A 412 35.54 -3.36 -3.66
C LYS A 412 34.59 -3.92 -4.73
N PRO A 413 34.63 -5.24 -4.95
CA PRO A 413 33.74 -5.83 -5.94
C PRO A 413 32.30 -5.75 -5.45
N VAL A 414 31.37 -5.47 -6.34
CA VAL A 414 29.96 -5.57 -5.99
C VAL A 414 29.31 -6.53 -6.96
N GLU A 415 28.13 -7.02 -6.59
CA GLU A 415 27.40 -7.92 -7.45
C GLU A 415 25.98 -7.43 -7.56
N ILE A 416 25.75 -6.57 -8.55
CA ILE A 416 24.43 -6.10 -8.90
C ILE A 416 23.91 -7.00 -10.01
N PRO A 417 22.85 -7.80 -9.73
CA PRO A 417 22.26 -8.56 -10.83
C PRO A 417 21.88 -7.64 -11.98
N ASN A 418 22.22 -8.01 -13.20
CA ASN A 418 21.97 -7.15 -14.35
C ASN A 418 20.55 -7.40 -14.86
N ILE A 419 19.59 -7.19 -13.97
CA ILE A 419 18.22 -7.56 -14.21
C ILE A 419 17.33 -6.39 -13.87
N LYS A 420 16.58 -5.92 -14.86
CA LYS A 420 15.61 -4.88 -14.60
C LYS A 420 14.53 -4.89 -15.67
N THR A 421 13.39 -4.31 -15.35
CA THR A 421 12.30 -4.20 -16.30
C THR A 421 11.95 -2.76 -16.56
N LYS A 422 11.33 -2.50 -17.71
CA LYS A 422 10.75 -1.20 -18.01
C LYS A 422 9.40 -1.06 -17.31
N VAL A 423 9.15 0.12 -16.76
CA VAL A 423 7.94 0.37 -16.02
C VAL A 423 7.31 1.69 -16.46
N VAL A 424 6.07 1.61 -16.96
CA VAL A 424 5.24 2.79 -17.16
C VAL A 424 4.28 2.83 -15.97
N ALA A 425 4.25 3.96 -15.28
CA ALA A 425 3.44 4.11 -14.07
C ALA A 425 2.86 5.52 -14.01
N GLY A 426 2.40 5.95 -12.84
CA GLY A 426 1.88 7.30 -12.66
C GLY A 426 0.39 7.43 -12.98
N PHE A 427 -0.35 6.32 -12.88
CA PHE A 427 -1.78 6.34 -13.16
C PHE A 427 -2.62 6.69 -11.93
N SER A 428 -2.51 7.94 -11.52
CA SER A 428 -3.48 8.50 -10.60
C SER A 428 -4.86 8.45 -11.24
N THR A 429 -5.90 8.63 -10.44
CA THR A 429 -7.25 8.64 -10.98
C THR A 429 -7.43 9.82 -11.94
N GLU A 430 -6.85 10.96 -11.62
CA GLU A 430 -6.88 12.11 -12.52
C GLU A 430 -6.21 11.73 -13.84
N ALA A 431 -5.09 11.02 -13.79
CA ALA A 431 -4.40 10.60 -15.01
C ALA A 431 -5.24 9.61 -15.85
N ILE A 432 -5.92 8.70 -15.17
CA ILE A 432 -6.74 7.72 -15.85
C ILE A 432 -7.92 8.42 -16.54
N ILE A 433 -8.58 9.32 -15.82
CA ILE A 433 -9.68 10.09 -16.40
C ILE A 433 -9.20 10.91 -17.60
N ASN A 434 -8.02 11.52 -17.47
CA ASN A 434 -7.49 12.30 -18.57
C ASN A 434 -7.20 11.43 -19.78
N ALA A 435 -6.64 10.24 -19.55
CA ALA A 435 -6.34 9.35 -20.66
C ALA A 435 -7.62 8.95 -21.36
N LEU A 436 -8.65 8.61 -20.58
CA LEU A 436 -9.95 8.25 -21.13
C LEU A 436 -10.62 9.42 -21.87
N SER A 437 -10.35 10.64 -21.41
CA SER A 437 -10.99 11.81 -21.98
C SER A 437 -10.55 12.03 -23.42
N LYS A 438 -9.45 11.41 -23.83
CA LYS A 438 -8.99 11.53 -25.21
C LYS A 438 -9.91 10.77 -26.14
N LEU A 439 -10.70 9.85 -25.58
CA LEU A 439 -11.71 9.14 -26.36
C LEU A 439 -13.10 9.78 -26.25
N ASN A 440 -13.33 10.52 -25.18
CA ASN A 440 -14.60 11.19 -24.96
C ASN A 440 -14.37 12.34 -23.99
N ALA A 441 -14.23 13.55 -24.52
CA ALA A 441 -13.76 14.68 -23.74
C ALA A 441 -14.67 15.06 -22.58
N ASN A 442 -15.97 15.05 -22.81
CA ASN A 442 -16.90 15.53 -21.79
C ASN A 442 -17.61 14.42 -20.99
N ASP A 443 -17.28 13.17 -21.28
CA ASP A 443 -17.81 12.04 -20.52
C ASP A 443 -16.71 10.99 -20.47
N PRO A 444 -15.61 11.27 -19.75
CA PRO A 444 -14.40 10.43 -19.85
C PRO A 444 -14.63 8.99 -19.35
N LEU A 445 -15.53 8.81 -18.39
CA LEU A 445 -15.75 7.47 -17.87
C LEU A 445 -16.54 6.62 -18.84
N LYS A 446 -17.26 7.25 -19.76
CA LYS A 446 -18.13 6.50 -20.65
C LYS A 446 -17.40 5.46 -21.52
N PRO A 447 -16.24 5.81 -22.11
CA PRO A 447 -15.56 4.78 -22.90
C PRO A 447 -15.19 3.55 -22.08
N LEU A 448 -14.82 3.74 -20.82
CA LEU A 448 -14.53 2.59 -19.97
C LEU A 448 -15.80 1.77 -19.75
N ILE A 449 -16.88 2.44 -19.39
CA ILE A 449 -18.16 1.75 -19.16
C ILE A 449 -18.64 1.06 -20.44
N ASP A 450 -18.54 1.72 -21.59
CA ASP A 450 -18.94 1.12 -22.87
C ASP A 450 -18.27 -0.22 -23.07
N ASN A 451 -16.98 -0.28 -22.75
CA ASN A 451 -16.20 -1.48 -22.97
C ASN A 451 -16.42 -2.57 -21.93
N VAL A 452 -16.88 -2.18 -20.73
CA VAL A 452 -17.35 -3.15 -19.76
C VAL A 452 -18.65 -3.76 -20.28
N VAL A 453 -19.54 -2.92 -20.78
CA VAL A 453 -20.84 -3.36 -21.27
C VAL A 453 -20.69 -4.29 -22.48
N ASN A 454 -19.83 -3.94 -23.41
CA ASN A 454 -19.66 -4.77 -24.61
C ASN A 454 -18.73 -5.98 -24.42
N GLY A 455 -18.15 -6.10 -23.23
CA GLY A 455 -17.38 -7.27 -22.88
C GLY A 455 -15.88 -7.20 -23.18
N ASN A 456 -15.43 -6.13 -23.82
CA ASN A 456 -13.99 -5.93 -24.01
C ASN A 456 -13.24 -5.86 -22.70
N ILE A 457 -13.89 -5.29 -21.68
CA ILE A 457 -13.38 -5.29 -20.31
CA ILE A 457 -13.39 -5.31 -20.33
C ILE A 457 -14.37 -6.07 -19.45
N ARG A 458 -13.90 -7.16 -18.87
CA ARG A 458 -14.78 -8.02 -18.10
C ARG A 458 -15.14 -7.36 -16.76
N GLY A 459 -14.14 -6.75 -16.14
CA GLY A 459 -14.31 -6.05 -14.89
C GLY A 459 -12.97 -5.48 -14.49
N VAL A 460 -12.85 -5.09 -13.23
CA VAL A 460 -11.63 -4.47 -12.73
C VAL A 460 -11.16 -5.24 -11.51
N CYS A 461 -9.86 -5.52 -11.42
CA CYS A 461 -9.25 -6.10 -10.23
C CYS A 461 -8.09 -5.25 -9.76
N LEU A 462 -8.15 -4.86 -8.50
CA LEU A 462 -7.06 -4.16 -7.81
C LEU A 462 -6.19 -5.17 -7.05
N PHE A 463 -4.92 -5.30 -7.45
CA PHE A 463 -3.94 -6.02 -6.64
C PHE A 463 -3.29 -5.05 -5.68
N ALA A 464 -3.20 -5.46 -4.41
CA ALA A 464 -2.72 -4.58 -3.38
C ALA A 464 -1.89 -5.36 -2.38
N GLY A 465 -1.10 -4.64 -1.60
CA GLY A 465 -0.47 -5.21 -0.44
C GLY A 465 0.87 -5.87 -0.65
N CYS A 466 1.24 -6.63 0.37
CA CYS A 466 2.61 -7.03 0.64
C CYS A 466 3.01 -8.28 -0.12
N ASN A 467 4.28 -8.65 0.01
CA ASN A 467 4.70 -10.03 -0.08
C ASN A 467 4.73 -10.63 1.34
N ASN A 468 4.78 -11.95 1.43
CA ASN A 468 4.76 -12.64 2.71
C ASN A 468 5.68 -13.84 2.57
N VAL A 469 6.62 -14.00 3.50
CA VAL A 469 7.63 -15.04 3.40
C VAL A 469 7.03 -16.46 3.28
N LYS A 470 5.77 -16.64 3.68
CA LYS A 470 5.13 -17.95 3.57
C LYS A 470 4.82 -18.34 2.12
N VAL A 471 4.79 -17.35 1.22
CA VAL A 471 4.44 -17.56 -0.17
C VAL A 471 5.65 -17.24 -1.04
N PRO A 472 6.04 -18.15 -1.96
CA PRO A 472 7.17 -17.80 -2.84
C PRO A 472 6.96 -16.43 -3.46
N GLN A 473 7.93 -15.55 -3.32
CA GLN A 473 7.69 -14.14 -3.59
C GLN A 473 7.15 -13.90 -4.99
N ASP A 474 6.00 -13.22 -5.07
CA ASP A 474 5.34 -12.74 -6.30
C ASP A 474 4.50 -13.81 -6.99
N GLN A 475 4.59 -15.05 -6.52
CA GLN A 475 3.93 -16.16 -7.19
C GLN A 475 2.41 -16.00 -7.25
N ASN A 476 1.78 -15.52 -6.19
CA ASN A 476 0.34 -15.37 -6.24
C ASN A 476 -0.04 -14.19 -7.13
N PHE A 477 0.64 -13.06 -6.97
CA PHE A 477 0.35 -11.89 -7.79
C PHE A 477 0.43 -12.23 -9.28
N THR A 478 1.51 -12.84 -9.72
CA THR A 478 1.69 -13.05 -11.16
C THR A 478 0.74 -14.14 -11.68
N THR A 479 0.55 -15.20 -10.91
CA THR A 479 -0.34 -16.27 -11.33
C THR A 479 -1.79 -15.78 -11.49
N ILE A 480 -2.25 -15.03 -10.52
CA ILE A 480 -3.62 -14.52 -10.58
C ILE A 480 -3.73 -13.47 -11.69
N ALA A 481 -2.78 -12.54 -11.76
CA ALA A 481 -2.84 -11.49 -12.77
C ALA A 481 -2.88 -12.08 -14.18
N ARG A 482 -2.04 -13.07 -14.45
N ARG A 482 -2.05 -13.09 -14.44
CA ARG A 482 -1.99 -13.64 -15.80
CA ARG A 482 -2.02 -13.70 -15.78
C ARG A 482 -3.36 -14.16 -16.22
C ARG A 482 -3.38 -14.27 -16.17
N LYS A 483 -4.00 -14.92 -15.34
N LYS A 483 -4.04 -14.97 -15.24
CA LYS A 483 -5.31 -15.50 -15.63
CA LYS A 483 -5.35 -15.55 -15.52
C LYS A 483 -6.34 -14.38 -15.87
C LYS A 483 -6.43 -14.48 -15.76
N LEU A 484 -6.40 -13.41 -14.97
CA LEU A 484 -7.38 -12.33 -15.11
C LEU A 484 -7.17 -11.55 -16.40
N LEU A 485 -5.92 -11.23 -16.73
CA LEU A 485 -5.61 -10.46 -17.94
C LEU A 485 -6.06 -11.20 -19.20
N LYS A 486 -5.87 -12.51 -19.22
CA LYS A 486 -6.30 -13.32 -20.37
C LYS A 486 -7.82 -13.33 -20.51
N GLN A 487 -8.53 -13.08 -19.41
CA GLN A 487 -9.98 -13.00 -19.38
C GLN A 487 -10.49 -11.56 -19.49
N ASN A 488 -9.64 -10.64 -19.95
CA ASN A 488 -10.01 -9.26 -20.26
CA ASN A 488 -10.05 -9.27 -20.26
C ASN A 488 -10.36 -8.41 -19.05
N VAL A 489 -9.80 -8.76 -17.89
CA VAL A 489 -9.97 -7.94 -16.71
C VAL A 489 -8.97 -6.79 -16.77
N LEU A 490 -9.45 -5.57 -16.52
CA LEU A 490 -8.59 -4.40 -16.36
C LEU A 490 -7.97 -4.51 -14.98
N VAL A 491 -6.64 -4.59 -14.94
CA VAL A 491 -5.94 -4.78 -13.69
C VAL A 491 -5.22 -3.51 -13.29
N VAL A 492 -5.44 -3.10 -12.04
CA VAL A 492 -4.75 -1.97 -11.45
C VAL A 492 -4.03 -2.46 -10.21
N ALA A 493 -3.01 -1.75 -9.75
CA ALA A 493 -2.19 -2.26 -8.66
C ALA A 493 -1.59 -1.13 -7.85
N THR A 494 -1.35 -1.42 -6.56
CA THR A 494 -0.71 -0.49 -5.65
C THR A 494 0.28 -1.22 -4.75
N GLY A 495 1.11 -0.43 -4.07
CA GLY A 495 1.97 -0.95 -3.05
C GLY A 495 2.93 -1.99 -3.59
N CYS A 496 3.20 -2.99 -2.78
CA CYS A 496 4.15 -4.00 -3.19
C CYS A 496 3.52 -5.04 -4.14
N GLY A 497 2.21 -4.95 -4.31
CA GLY A 497 1.55 -5.69 -5.39
C GLY A 497 1.92 -5.09 -6.74
N ALA A 498 1.84 -3.77 -6.82
CA ALA A 498 2.41 -3.08 -7.96
C ALA A 498 3.90 -3.39 -8.10
N GLY A 499 4.62 -3.48 -6.99
CA GLY A 499 6.03 -3.81 -7.04
C GLY A 499 6.28 -5.19 -7.66
N ALA A 500 5.53 -6.18 -7.23
CA ALA A 500 5.64 -7.53 -7.78
C ALA A 500 5.37 -7.52 -9.29
N LEU A 501 4.29 -6.88 -9.68
CA LEU A 501 3.90 -6.88 -11.07
C LEU A 501 4.91 -6.08 -11.92
N MET A 502 5.42 -4.96 -11.42
CA MET A 502 6.39 -4.22 -12.20
CA MET A 502 6.45 -4.18 -12.11
C MET A 502 7.69 -5.03 -12.39
N ARG A 503 8.15 -5.74 -11.36
CA ARG A 503 9.41 -6.47 -11.45
C ARG A 503 9.30 -7.68 -12.41
N HIS A 504 8.07 -8.10 -12.72
CA HIS A 504 7.85 -9.20 -13.64
C HIS A 504 7.32 -8.77 -15.01
N GLY A 505 7.42 -7.48 -15.30
CA GLY A 505 7.16 -6.99 -16.64
C GLY A 505 5.73 -6.58 -16.95
N PHE A 506 4.87 -6.56 -15.93
CA PHE A 506 3.46 -6.29 -16.14
C PHE A 506 3.14 -4.83 -16.38
N MET A 507 4.13 -3.95 -16.19
CA MET A 507 3.93 -2.54 -16.48
CA MET A 507 3.99 -2.52 -16.45
C MET A 507 4.75 -2.08 -17.70
N ASP A 508 5.15 -3.03 -18.52
CA ASP A 508 5.83 -2.73 -19.79
C ASP A 508 4.85 -2.97 -20.92
N PRO A 509 4.48 -1.91 -21.66
CA PRO A 509 3.53 -2.04 -22.77
C PRO A 509 3.95 -3.05 -23.84
N ALA A 510 5.24 -3.34 -23.95
CA ALA A 510 5.73 -4.33 -24.92
C ALA A 510 5.18 -5.73 -24.62
N ASN A 511 4.70 -5.94 -23.41
CA ASN A 511 4.18 -7.25 -23.02
C ASN A 511 2.66 -7.40 -23.12
N VAL A 512 2.00 -6.39 -23.68
CA VAL A 512 0.55 -6.44 -23.86
C VAL A 512 0.11 -7.61 -24.74
N ASP A 513 0.78 -7.84 -25.86
CA ASP A 513 0.38 -8.92 -26.76
C ASP A 513 0.42 -10.28 -26.06
N GLU A 514 1.47 -10.50 -25.28
CA GLU A 514 1.63 -11.77 -24.58
C GLU A 514 0.61 -11.97 -23.45
N LEU A 515 0.33 -10.91 -22.71
CA LEU A 515 -0.40 -11.05 -21.44
C LEU A 515 -1.92 -10.86 -21.57
N CYS A 516 -2.35 -10.01 -22.49
CA CYS A 516 -3.73 -9.53 -22.46
C CYS A 516 -4.66 -10.26 -23.41
N GLY A 517 -5.89 -10.50 -22.96
CA GLY A 517 -6.96 -10.95 -23.82
C GLY A 517 -7.19 -9.96 -24.95
N ASP A 518 -7.83 -10.40 -26.03
CA ASP A 518 -8.03 -9.56 -27.21
C ASP A 518 -8.86 -8.31 -26.91
N GLY A 519 -9.88 -8.45 -26.06
CA GLY A 519 -10.72 -7.32 -25.72
C GLY A 519 -9.96 -6.25 -24.96
N LEU A 520 -9.25 -6.67 -23.93
CA LEU A 520 -8.48 -5.75 -23.10
C LEU A 520 -7.39 -5.10 -23.95
N LYS A 521 -6.73 -5.89 -24.78
CA LYS A 521 -5.72 -5.35 -25.67
C LYS A 521 -6.29 -4.25 -26.55
N ALA A 522 -7.45 -4.49 -27.14
CA ALA A 522 -8.08 -3.50 -27.99
C ALA A 522 -8.29 -2.19 -27.23
N VAL A 523 -8.73 -2.31 -25.97
CA VAL A 523 -9.03 -1.13 -25.18
C VAL A 523 -7.73 -0.40 -24.78
N LEU A 524 -6.76 -1.14 -24.27
CA LEU A 524 -5.50 -0.52 -23.89
C LEU A 524 -4.85 0.16 -25.09
N THR A 525 -5.00 -0.45 -26.26
CA THR A 525 -4.42 0.11 -27.47
C THR A 525 -5.16 1.36 -27.92
N ALA A 526 -6.49 1.34 -27.89
CA ALA A 526 -7.27 2.49 -28.31
C ALA A 526 -6.98 3.69 -27.42
N ILE A 527 -6.88 3.46 -26.11
CA ILE A 527 -6.57 4.55 -25.19
C ILE A 527 -5.15 5.07 -25.40
N GLY A 528 -4.19 4.16 -25.53
CA GLY A 528 -2.82 4.55 -25.76
C GLY A 528 -2.64 5.33 -27.06
N GLU A 529 -3.26 4.85 -28.12
CA GLU A 529 -3.16 5.52 -29.42
C GLU A 529 -3.79 6.91 -29.38
N ALA A 530 -4.87 7.07 -28.61
CA ALA A 530 -5.52 8.38 -28.50
C ALA A 530 -4.69 9.31 -27.65
N ASN A 531 -3.78 8.75 -26.86
CA ASN A 531 -2.91 9.57 -26.04
C ASN A 531 -1.56 9.76 -26.72
N GLY A 532 -1.49 9.38 -28.00
CA GLY A 532 -0.32 9.65 -28.83
C GLY A 532 0.85 8.71 -28.62
N LEU A 533 0.60 7.53 -28.06
CA LEU A 533 1.66 6.59 -27.75
C LEU A 533 2.03 5.76 -28.98
N GLY A 534 3.21 5.14 -28.94
CA GLY A 534 3.58 4.22 -30.00
C GLY A 534 2.59 3.07 -30.02
N GLY A 535 1.88 2.91 -28.91
CA GLY A 535 0.92 1.83 -28.78
C GLY A 535 0.12 1.90 -27.49
N PRO A 536 -0.06 0.75 -26.83
CA PRO A 536 -1.00 0.66 -25.73
C PRO A 536 -0.50 1.20 -24.39
N LEU A 537 -1.45 1.45 -23.49
CA LEU A 537 -1.18 1.51 -22.07
C LEU A 537 -0.55 0.17 -21.66
N PRO A 538 0.14 0.16 -20.51
CA PRO A 538 0.74 -1.09 -20.02
C PRO A 538 -0.33 -2.09 -19.60
N PRO A 539 0.05 -3.37 -19.45
CA PRO A 539 -0.91 -4.42 -19.09
C PRO A 539 -1.60 -4.16 -17.75
N VAL A 540 -0.90 -3.52 -16.82
CA VAL A 540 -1.42 -3.22 -15.49
C VAL A 540 -1.17 -1.75 -15.20
N LEU A 541 -2.15 -1.07 -14.62
CA LEU A 541 -2.03 0.34 -14.31
C LEU A 541 -1.60 0.53 -12.85
N HIS A 542 -0.44 1.13 -12.66
CA HIS A 542 0.10 1.40 -11.35
C HIS A 542 -0.54 2.65 -10.76
N MET A 543 -1.34 2.48 -9.72
CA MET A 543 -2.03 3.60 -9.08
C MET A 543 -1.36 4.13 -7.82
N GLY A 544 -0.22 3.56 -7.45
CA GLY A 544 0.64 4.18 -6.47
C GLY A 544 0.94 3.36 -5.23
N SER A 545 1.16 4.08 -4.13
CA SER A 545 1.51 3.49 -2.85
C SER A 545 0.27 2.87 -2.17
N CYS A 546 0.46 2.31 -0.99
CA CYS A 546 -0.67 1.74 -0.29
C CYS A 546 -1.74 2.78 0.13
N VAL A 547 -1.35 3.97 0.57
CA VAL A 547 -2.39 4.96 0.86
C VAL A 547 -3.17 5.26 -0.42
N ASP A 548 -2.49 5.18 -1.57
CA ASP A 548 -3.10 5.41 -2.88
C ASP A 548 -4.06 4.31 -3.32
N ASN A 549 -4.25 3.26 -2.53
CA ASN A 549 -5.48 2.50 -2.68
C ASN A 549 -6.71 3.42 -2.64
N SER A 550 -6.56 4.57 -1.97
CA SER A 550 -7.64 5.56 -1.97
C SER A 550 -7.94 6.08 -3.39
N ARG A 551 -6.93 6.07 -4.28
CA ARG A 551 -7.17 6.49 -5.67
C ARG A 551 -8.12 5.52 -6.34
N ALA A 552 -7.94 4.24 -6.07
CA ALA A 552 -8.85 3.24 -6.63
C ALA A 552 -10.27 3.46 -6.11
N VAL A 553 -10.40 3.84 -4.84
CA VAL A 553 -11.70 4.20 -4.30
C VAL A 553 -12.30 5.38 -5.07
N ALA A 554 -11.51 6.42 -5.29
CA ALA A 554 -12.00 7.58 -6.05
C ALA A 554 -12.50 7.16 -7.43
N LEU A 555 -11.75 6.28 -8.11
CA LEU A 555 -12.14 5.84 -9.45
C LEU A 555 -13.44 5.06 -9.41
N VAL A 556 -13.53 4.10 -8.48
N VAL A 556 -13.56 4.11 -8.48
CA VAL A 556 -14.69 3.24 -8.35
CA VAL A 556 -14.76 3.28 -8.46
C VAL A 556 -15.93 4.06 -7.95
C VAL A 556 -15.97 4.06 -7.94
N ALA A 557 -15.75 4.99 -7.02
CA ALA A 557 -16.84 5.86 -6.58
C ALA A 557 -17.29 6.74 -7.73
N ALA A 558 -16.36 7.21 -8.56
CA ALA A 558 -16.74 8.03 -9.72
C ALA A 558 -17.55 7.20 -10.72
N LEU A 559 -17.16 5.95 -10.93
CA LEU A 559 -17.92 5.04 -11.79
C LEU A 559 -19.30 4.79 -11.22
N ALA A 560 -19.38 4.55 -9.92
CA ALA A 560 -20.66 4.33 -9.24
C ALA A 560 -21.58 5.53 -9.45
N ASN A 561 -21.06 6.73 -9.21
CA ASN A 561 -21.84 7.95 -9.37
CA ASN A 561 -21.84 7.95 -9.37
C ASN A 561 -22.30 8.16 -10.81
N ARG A 562 -21.42 7.88 -11.76
CA ARG A 562 -21.76 8.04 -13.17
C ARG A 562 -22.87 7.07 -13.58
N LEU A 563 -22.90 5.89 -12.96
CA LEU A 563 -23.87 4.86 -13.30
C LEU A 563 -25.14 4.93 -12.46
N GLY A 564 -25.09 5.67 -11.36
CA GLY A 564 -26.24 5.77 -10.47
C GLY A 564 -26.48 4.52 -9.64
N VAL A 565 -25.43 3.73 -9.39
CA VAL A 565 -25.54 2.56 -8.55
C VAL A 565 -24.45 2.58 -7.47
N ASP A 566 -24.60 1.72 -6.47
CA ASP A 566 -23.65 1.64 -5.36
C ASP A 566 -22.50 0.70 -5.75
N LEU A 567 -21.41 0.79 -5.01
CA LEU A 567 -20.19 0.06 -5.33
C LEU A 567 -20.37 -1.45 -5.32
N ASP A 568 -21.29 -1.95 -4.50
CA ASP A 568 -21.52 -3.38 -4.42
C ASP A 568 -22.30 -3.94 -5.61
N ARG A 569 -22.60 -3.10 -6.60
CA ARG A 569 -23.17 -3.58 -7.86
C ARG A 569 -22.16 -3.55 -9.01
N LEU A 570 -20.96 -3.03 -8.76
CA LEU A 570 -19.97 -2.90 -9.82
C LEU A 570 -19.11 -4.15 -9.96
N PRO A 571 -18.69 -4.50 -11.20
CA PRO A 571 -17.81 -5.64 -11.39
C PRO A 571 -16.37 -5.29 -11.08
N VAL A 572 -16.12 -5.03 -9.80
CA VAL A 572 -14.81 -4.63 -9.28
C VAL A 572 -14.47 -5.48 -8.08
N VAL A 573 -13.26 -6.03 -8.04
CA VAL A 573 -12.79 -6.86 -6.95
C VAL A 573 -11.38 -6.41 -6.54
N ALA A 574 -10.93 -6.88 -5.38
CA ALA A 574 -9.58 -6.58 -4.89
C ALA A 574 -8.91 -7.89 -4.47
N SER A 575 -7.58 -7.91 -4.53
CA SER A 575 -6.80 -9.07 -4.11
C SER A 575 -5.53 -8.64 -3.37
N ALA A 576 -5.47 -8.96 -2.07
CA ALA A 576 -4.26 -8.83 -1.27
C ALA A 576 -3.62 -10.22 -1.30
N ALA A 577 -2.97 -10.52 -2.42
CA ALA A 577 -2.62 -11.89 -2.77
C ALA A 577 -1.53 -12.49 -1.89
N GLU A 578 -0.74 -11.65 -1.24
CA GLU A 578 0.41 -12.12 -0.45
C GLU A 578 0.55 -11.25 0.82
N ALA A 579 -0.58 -10.92 1.44
CA ALA A 579 -0.67 -9.93 2.52
C ALA A 579 0.23 -10.25 3.71
N MET A 580 0.69 -9.18 4.38
CA MET A 580 1.57 -9.32 5.54
C MET A 580 1.19 -8.35 6.68
N HIS A 581 1.20 -7.06 6.40
CA HIS A 581 1.15 -6.07 7.47
C HIS A 581 -0.24 -5.90 8.05
N GLU A 582 -0.33 -5.44 9.29
CA GLU A 582 -1.62 -5.03 9.85
C GLU A 582 -2.32 -4.01 8.94
N LYS A 583 -1.56 -3.16 8.27
CA LYS A 583 -2.12 -2.22 7.31
C LYS A 583 -2.87 -2.93 6.18
N ALA A 584 -2.37 -4.10 5.76
CA ALA A 584 -3.06 -4.87 4.74
C ALA A 584 -4.39 -5.41 5.24
N VAL A 585 -4.43 -5.82 6.51
CA VAL A 585 -5.66 -6.28 7.12
C VAL A 585 -6.68 -5.13 7.15
N ALA A 586 -6.24 -3.94 7.54
CA ALA A 586 -7.13 -2.79 7.59
C ALA A 586 -7.69 -2.43 6.21
N ILE A 587 -6.82 -2.36 5.20
CA ILE A 587 -7.30 -1.97 3.88
CA ILE A 587 -7.26 -1.99 3.85
C ILE A 587 -8.22 -3.05 3.30
N GLY A 588 -7.88 -4.33 3.48
CA GLY A 588 -8.76 -5.40 3.02
C GLY A 588 -10.13 -5.27 3.65
N THR A 589 -10.15 -4.92 4.92
CA THR A 589 -11.41 -4.79 5.64
C THR A 589 -12.23 -3.61 5.14
N TRP A 590 -11.59 -2.48 4.84
CA TRP A 590 -12.39 -1.40 4.25
C TRP A 590 -12.83 -1.67 2.80
N ALA A 591 -12.06 -2.45 2.06
CA ALA A 591 -12.49 -2.85 0.71
C ALA A 591 -13.82 -3.59 0.81
N VAL A 592 -13.91 -4.50 1.78
CA VAL A 592 -15.15 -5.26 2.03
C VAL A 592 -16.25 -4.31 2.49
N THR A 593 -15.90 -3.38 3.38
CA THR A 593 -16.89 -2.47 3.95
C THR A 593 -17.51 -1.54 2.89
N ILE A 594 -16.72 -1.12 1.90
CA ILE A 594 -17.27 -0.27 0.85
C ILE A 594 -17.98 -1.02 -0.26
N GLY A 595 -17.95 -2.35 -0.20
CA GLY A 595 -18.77 -3.19 -1.06
C GLY A 595 -18.06 -4.13 -2.02
N LEU A 596 -16.75 -4.35 -1.86
CA LEU A 596 -16.00 -5.18 -2.80
C LEU A 596 -15.76 -6.62 -2.34
N PRO A 597 -15.91 -7.57 -3.27
CA PRO A 597 -15.35 -8.90 -3.04
C PRO A 597 -13.83 -8.75 -2.94
N THR A 598 -13.24 -9.26 -1.86
CA THR A 598 -11.84 -8.98 -1.53
C THR A 598 -11.12 -10.28 -1.20
N HIS A 599 -10.18 -10.66 -2.06
CA HIS A 599 -9.40 -11.86 -1.89
C HIS A 599 -8.21 -11.62 -0.96
N ILE A 600 -7.97 -12.59 -0.09
N ILE A 600 -7.96 -12.57 -0.06
CA ILE A 600 -6.77 -12.66 0.74
CA ILE A 600 -6.72 -12.61 0.69
C ILE A 600 -6.06 -13.98 0.41
C ILE A 600 -6.06 -13.96 0.44
N GLY A 601 -4.78 -13.91 0.06
CA GLY A 601 -4.06 -15.10 -0.40
C GLY A 601 -3.12 -15.74 0.60
N VAL A 602 -3.19 -15.31 1.85
CA VAL A 602 -2.48 -15.93 2.95
C VAL A 602 -3.53 -16.28 4.02
N LEU A 603 -3.18 -17.16 4.94
CA LEU A 603 -4.11 -17.58 5.99
C LEU A 603 -4.22 -16.51 7.07
N PRO A 604 -5.39 -15.89 7.20
CA PRO A 604 -5.58 -14.93 8.28
C PRO A 604 -5.90 -15.70 9.57
N PRO A 605 -5.58 -15.11 10.74
CA PRO A 605 -5.79 -15.82 12.01
C PRO A 605 -7.24 -15.81 12.46
N ILE A 606 -8.12 -16.37 11.63
CA ILE A 606 -9.55 -16.39 11.92
CA ILE A 606 -9.55 -16.38 11.90
C ILE A 606 -10.13 -17.79 11.82
N THR A 607 -9.36 -18.74 11.31
CA THR A 607 -9.91 -20.06 11.02
C THR A 607 -10.27 -20.86 12.26
N GLY A 608 -9.76 -20.45 13.41
CA GLY A 608 -10.14 -21.06 14.67
C GLY A 608 -11.58 -20.85 15.07
N SER A 609 -12.27 -19.92 14.42
CA SER A 609 -13.69 -19.70 14.70
C SER A 609 -14.51 -19.77 13.42
N LEU A 610 -15.34 -20.80 13.29
CA LEU A 610 -16.19 -20.91 12.12
C LEU A 610 -17.19 -19.75 12.08
N PRO A 611 -17.81 -19.40 13.22
CA PRO A 611 -18.75 -18.28 13.15
C PRO A 611 -18.12 -16.96 12.66
N VAL A 612 -16.91 -16.65 13.09
CA VAL A 612 -16.24 -15.44 12.61
C VAL A 612 -15.92 -15.55 11.11
N THR A 613 -15.43 -16.72 10.70
CA THR A 613 -15.12 -16.96 9.31
C THR A 613 -16.36 -16.76 8.45
N GLN A 614 -17.48 -17.30 8.93
N GLN A 614 -17.48 -17.32 8.91
CA GLN A 614 -18.75 -17.23 8.20
CA GLN A 614 -18.73 -17.22 8.16
C GLN A 614 -19.27 -15.80 8.08
C GLN A 614 -19.20 -15.77 8.04
N ILE A 615 -19.03 -14.98 9.10
CA ILE A 615 -19.38 -13.56 9.03
C ILE A 615 -18.54 -12.87 7.95
N LEU A 616 -17.23 -13.07 8.00
CA LEU A 616 -16.30 -12.32 7.16
C LEU A 616 -16.35 -12.75 5.70
N THR A 617 -16.74 -13.99 5.44
CA THR A 617 -16.73 -14.50 4.08
C THR A 617 -18.13 -14.66 3.49
N SER A 618 -19.16 -14.44 4.31
CA SER A 618 -20.53 -14.67 3.83
C SER A 618 -21.56 -13.67 4.37
N SER A 619 -21.82 -13.65 5.68
CA SER A 619 -22.95 -12.87 6.15
CA SER A 619 -22.90 -12.86 6.27
C SER A 619 -22.69 -11.36 6.05
N VAL A 620 -21.44 -10.94 5.99
CA VAL A 620 -21.16 -9.52 5.80
C VAL A 620 -21.70 -9.00 4.47
N LYS A 621 -21.93 -9.89 3.49
CA LYS A 621 -22.57 -9.49 2.24
C LYS A 621 -23.90 -8.77 2.50
N ASP A 622 -24.61 -9.23 3.52
CA ASP A 622 -25.93 -8.70 3.83
CA ASP A 622 -25.94 -8.70 3.82
C ASP A 622 -25.87 -7.34 4.51
N ILE A 623 -24.67 -6.97 4.97
CA ILE A 623 -24.45 -5.70 5.63
C ILE A 623 -23.89 -4.67 4.66
N THR A 624 -22.79 -5.01 3.99
CA THR A 624 -22.10 -4.05 3.15
C THR A 624 -22.08 -4.39 1.67
N GLY A 625 -22.44 -5.63 1.33
CA GLY A 625 -22.38 -6.08 -0.05
C GLY A 625 -21.03 -6.64 -0.46
N GLY A 626 -19.99 -6.36 0.33
CA GLY A 626 -18.68 -6.92 0.09
C GLY A 626 -18.49 -8.18 0.93
N TYR A 627 -17.34 -8.84 0.75
CA TYR A 627 -17.02 -10.06 1.48
C TYR A 627 -15.58 -10.49 1.18
N PHE A 628 -14.98 -11.20 2.12
CA PHE A 628 -13.67 -11.77 1.92
C PHE A 628 -13.74 -13.10 1.19
N ILE A 629 -12.75 -13.35 0.36
CA ILE A 629 -12.51 -14.62 -0.29
C ILE A 629 -11.13 -15.08 0.16
N VAL A 630 -11.10 -16.06 1.05
CA VAL A 630 -9.83 -16.58 1.55
C VAL A 630 -9.43 -17.76 0.67
N GLU A 631 -8.31 -17.64 -0.04
CA GLU A 631 -7.89 -18.71 -0.94
C GLU A 631 -6.39 -18.69 -1.16
N LEU A 632 -5.72 -19.69 -0.62
CA LEU A 632 -4.26 -19.78 -0.71
C LEU A 632 -3.75 -20.30 -2.03
N ASP A 633 -4.58 -21.00 -2.79
CA ASP A 633 -4.13 -21.49 -4.10
C ASP A 633 -4.45 -20.46 -5.15
N PRO A 634 -3.41 -19.93 -5.83
CA PRO A 634 -3.66 -18.77 -6.70
C PRO A 634 -4.49 -19.06 -7.94
N GLU A 635 -4.34 -20.25 -8.53
CA GLU A 635 -5.19 -20.59 -9.66
C GLU A 635 -6.66 -20.61 -9.22
N THR A 636 -6.93 -21.23 -8.07
CA THR A 636 -8.29 -21.25 -7.53
C THR A 636 -8.77 -19.84 -7.16
N ALA A 637 -7.88 -19.02 -6.62
CA ALA A 637 -8.24 -17.65 -6.29
C ALA A 637 -8.66 -16.87 -7.53
N ALA A 638 -7.94 -17.06 -8.63
CA ALA A 638 -8.27 -16.40 -9.87
C ALA A 638 -9.67 -16.82 -10.33
N ASP A 639 -9.98 -18.11 -10.26
CA ASP A 639 -11.32 -18.58 -10.63
C ASP A 639 -12.40 -17.93 -9.74
N LYS A 640 -12.12 -17.84 -8.45
CA LYS A 640 -13.08 -17.27 -7.52
C LYS A 640 -13.28 -15.77 -7.78
N LEU A 641 -12.21 -15.07 -8.13
CA LEU A 641 -12.28 -13.66 -8.43
C LEU A 641 -13.06 -13.43 -9.72
N LEU A 642 -12.81 -14.27 -10.73
CA LEU A 642 -13.57 -14.19 -11.98
C LEU A 642 -15.04 -14.45 -11.73
N ALA A 643 -15.35 -15.43 -10.88
CA ALA A 643 -16.74 -15.76 -10.57
C ALA A 643 -17.42 -14.57 -9.90
N ALA A 644 -16.71 -13.90 -9.00
CA ALA A 644 -17.24 -12.72 -8.32
C ALA A 644 -17.49 -11.57 -9.31
N ILE A 645 -16.56 -11.33 -10.23
CA ILE A 645 -16.73 -10.33 -11.27
C ILE A 645 -17.95 -10.66 -12.13
N ASN A 646 -18.05 -11.92 -12.52
CA ASN A 646 -19.11 -12.34 -13.43
C ASN A 646 -20.48 -12.29 -12.76
N GLU A 647 -20.54 -12.58 -11.47
CA GLU A 647 -21.78 -12.45 -10.71
CA GLU A 647 -21.77 -12.44 -10.72
C GLU A 647 -22.24 -10.99 -10.72
N ARG A 648 -21.30 -10.06 -10.57
CA ARG A 648 -21.60 -8.64 -10.64
CA ARG A 648 -21.63 -8.64 -10.64
C ARG A 648 -22.12 -8.28 -12.04
N ARG A 649 -21.47 -8.80 -13.07
CA ARG A 649 -21.92 -8.56 -14.45
C ARG A 649 -23.37 -9.03 -14.61
N ALA A 650 -23.67 -10.22 -14.13
CA ALA A 650 -25.00 -10.79 -14.26
C ALA A 650 -26.03 -9.95 -13.52
N GLY A 651 -25.64 -9.43 -12.37
CA GLY A 651 -26.51 -8.57 -11.59
C GLY A 651 -26.87 -7.26 -12.28
N LEU A 652 -26.00 -6.82 -13.19
CA LEU A 652 -26.24 -5.63 -14.00
C LEU A 652 -26.93 -5.94 -15.33
N GLY A 653 -27.28 -7.21 -15.53
CA GLY A 653 -27.94 -7.63 -16.75
C GLY A 653 -27.00 -7.79 -17.93
N LEU A 654 -25.70 -7.90 -17.66
CA LEU A 654 -24.69 -7.99 -18.72
C LEU A 654 -24.33 -9.44 -19.03
N PRO A 655 -23.97 -9.70 -20.30
CA PRO A 655 -23.38 -10.99 -20.68
C PRO A 655 -22.05 -11.20 -19.97
N TRP A 656 -21.66 -12.46 -19.78
CA TRP A 656 -20.38 -12.76 -19.15
C TRP A 656 -19.88 -14.11 -19.63
FE1 SF4 B . -7.18 -12.59 29.84
FE2 SF4 B . -7.58 -13.14 27.25
FE3 SF4 B . -9.59 -13.63 28.99
FE4 SF4 B . -7.32 -15.13 28.98
S1 SF4 B . -8.92 -14.99 27.34
S2 SF4 B . -8.34 -14.33 30.80
S3 SF4 B . -5.72 -13.57 28.45
S4 SF4 B . -8.68 -11.59 28.42
FE1 FES C . -0.10 -17.90 21.88
FE2 FES C . 1.27 -19.65 20.35
S1 FES C . 0.50 -17.65 19.66
S2 FES C . 0.04 -20.17 22.25
NI WCC D . 1.21 -1.80 2.01
FE1 WCC D . 4.34 -2.52 3.56
FE3 WCC D . 4.59 -3.11 0.99
FE4 WCC D . 2.72 -4.17 2.53
S1 WCC D . 2.37 -3.20 0.56
S2 WCC D . 4.98 -4.54 2.69
S3 WCC D . 2.05 -2.54 3.86
S4 WCC D . 5.13 -1.09 1.97
C YIV E . -0.46 -1.42 2.94
N YIV E . -1.50 -2.08 2.87
C1 YIV E . -1.65 -3.26 2.04
O1 YIV E . -0.38 -0.34 3.73
C2 YIV E . -3.06 -3.20 1.46
C3 YIV E . -3.53 -4.56 0.96
C4 YIV E . -5.00 -4.54 0.63
H1 YIV E . -1.53 -4.17 2.64
H1A YIV E . -0.91 -3.26 1.24
H2 YIV E . -3.75 -2.84 2.22
H2A YIV E . -3.07 -2.49 0.62
H3 YIV E . -3.34 -5.31 1.72
H3A YIV E . -2.96 -4.83 0.06
H4 YIV E . -5.56 -4.38 1.52
H4A YIV E . -5.29 -5.47 0.21
H4B YIV E . -5.21 -3.76 -0.07
FE FE F . 3.39 0.37 2.41
FE FE F . 2.91 -0.60 1.31
C NBN G . -6.68 -11.07 8.79
C NBN G . -6.98 -9.93 6.21
N NBN G . -7.53 -10.45 8.04
N NBN G . -8.11 -9.54 6.72
C1 NBN G . -8.17 -10.33 6.74
C1 NBN G . -9.30 -10.27 7.09
C2 NBN G . -9.18 -11.31 6.17
C2 NBN G . -9.91 -11.50 7.74
C3 NBN G . -10.20 -11.99 7.07
C3 NBN G . -10.08 -12.10 6.36
C4 NBN G . -11.03 -12.95 6.24
C4 NBN G . -10.76 -13.42 6.70
H11 NBN G . -8.66 -9.35 6.73
H11 NBN G . -9.83 -9.49 7.65
H12 NBN G . -7.36 -10.25 6.02
H12 NBN G . -9.82 -10.28 6.14
H21 NBN G . -9.73 -10.80 5.38
H21 NBN G . -9.19 -12.04 8.37
H22 NBN G . -8.61 -12.10 5.68
H22 NBN G . -10.85 -11.30 8.26
H31 NBN G . -9.69 -12.54 7.86
H31 NBN G . -10.72 -11.47 5.73
H32 NBN G . -10.85 -11.24 7.53
H32 NBN G . -9.12 -12.26 5.87
H41 NBN G . -11.61 -12.39 5.51
H41 NBN G . -10.08 -14.04 7.27
H42 NBN G . -10.38 -13.65 5.71
H42 NBN G . -11.66 -13.23 7.28
H43 NBN G . -11.71 -13.50 6.89
H43 NBN G . -11.04 -13.93 5.77
#